data_9D0X
#
_entry.id   9D0X
#
loop_
_entity.id
_entity.type
_entity.pdbx_description
1 polymer 'Protein cereblon'
2 polymer 'Cyclin-dependent kinase 2'
3 polymer 'G1/S-specific cyclin-E1'
4 non-polymer 'ZINC ION'
5 non-polymer (3R)-3-(5-{4-[(2-{4-[(8-cyclopentyl-7-oxo-7,8-dihydropyrido[2,3-d]pyrimidin-2-yl)amino]-3-methylbenzene-1-sulfonyl}-7-azaspiro[3.5]nonan-7-yl)methyl]piperidin-1-yl}-4-fluoro-3-methyl-2-oxo-2,3-dihydro-1H-1,3-benzimidazol-1-yl)piperidine-2,6-dione
#
loop_
_entity_poly.entity_id
_entity_poly.type
_entity_poly.pdbx_seq_one_letter_code
_entity_poly.pdbx_strand_id
1 'polypeptide(L)'
;GSEAKKPNIINFDTSLPTSHTYLGADMEEFHGRTLHDDDSCQVIPVLPQVMMILIPGQTLPLQLFHPQEVSMVRNLIQKD
RTFAVLAYSNVQEREAQFGTTAEIYAYREEQDFGIEIVKVKAIGRQRFKVLELRTQSDGIQQAKVQILPECVLPSTMSAV
QLESLNKCQIFPSKPVSREDQCSYKWWQKYQKRKFHCANLTSWPRWLYSLYDAETLMDRIKKQLREWDENLKDDSLPSNP
IDFSYRVAACLPIDDVLRIQLLKIGSAIQRLRCELDIMNKCTSLCCKQCQETEITTKNEIFSLSLCGPMAAYVNPHGYVH
ETLTVYKACNLNLIGRPSTEHSWFPGYAWTVAQCKICASHIGWKFTATKKDMSPQKFWGLTRSALLPTIPDTEDEISPDK
VILCL
;
B
2 'polypeptide(L)'
;MENFQKVEKIGEGTYGVVYKARNKLTGEVVALKKIRLDTETEGVPSTAIREISLLKELNHPNIVKLLDVIHTENKLYLVF
EFLHQDLKKFMDASALTGIPLPLIKSYLFQLLQGLAFCHSHRVLHRDLKPQNLLINTEGAIKLADFGLARAFGVPVRTY
(TPO)HEVVTLWYRAPEILLGCKYYSTAVDIWSLGCIFAEMVTRRALFPGDSEIDQLFRIFRTLGTPDEVVWPGVTSMPD
YKPSFPKWARQDFSKVVPPLDEDGRSLLSQMLHYDPNKRISAKAALAHPFFQDVTKPVPHLRL
;
C
3 'polypeptide(L)'
;SGSIIAPSRGSPLPVLSWANREEVWKIMLNKEKTYLRDQHFLEQHPLLQPKMRAILLDWLMEVCEVYKLHRETFYLAQDF
FDRYMATQENVVKTLLQLIGISSLFIAAKLEEIYPPKLHQFAYVTDGACSGDEILTMELMIMKALKWRLSPLTIVSWLNV
YMQVAYLNDLHEVLLPQYPQQIFIQIAELLDLCVLDVDCLEFPYGILAASALYHFSSSELMQKVSGYQWCDIENCVKWMV
PFAMVIRETGSSKLKHFRGVADEDAHNIQTHRDSLDLLDKARAKKA
;
D
#
# COMPACT_ATOMS: atom_id res chain seq x y z
N ASN A 8 -16.52 -14.00 -3.11
CA ASN A 8 -15.53 -15.05 -2.88
C ASN A 8 -14.93 -14.94 -1.49
N ILE A 9 -13.77 -15.55 -1.30
CA ILE A 9 -13.08 -15.46 -0.01
C ILE A 9 -12.71 -14.01 0.27
N ILE A 10 -12.70 -13.66 1.55
CA ILE A 10 -12.45 -12.29 1.99
C ILE A 10 -11.42 -12.35 3.11
N ASN A 11 -10.15 -12.17 2.76
CA ASN A 11 -9.09 -11.99 3.76
C ASN A 11 -8.90 -10.50 4.02
N PHE A 12 -10.00 -9.87 4.44
CA PHE A 12 -10.05 -8.42 4.65
C PHE A 12 -10.02 -8.02 6.11
N ASP A 13 -10.21 -8.95 7.05
CA ASP A 13 -10.30 -8.63 8.46
C ASP A 13 -11.48 -7.69 8.71
N THR A 14 -12.68 -8.23 8.48
CA THR A 14 -13.91 -7.43 8.51
C THR A 14 -14.12 -6.69 9.82
N SER A 15 -13.33 -6.98 10.86
CA SER A 15 -13.41 -6.18 12.07
C SER A 15 -12.99 -4.73 11.86
N LEU A 16 -12.22 -4.45 10.80
CA LEU A 16 -11.76 -3.07 10.57
C LEU A 16 -12.91 -2.11 10.33
N PRO A 17 -13.88 -2.41 9.47
CA PRO A 17 -14.94 -1.41 9.20
C PRO A 17 -15.66 -0.94 10.46
N THR A 18 -15.89 -1.84 11.41
CA THR A 18 -16.56 -1.45 12.65
C THR A 18 -15.70 -0.62 13.56
N SER A 19 -14.38 -0.60 13.35
CA SER A 19 -13.49 0.17 14.20
C SER A 19 -13.40 1.64 13.82
N HIS A 20 -13.84 2.00 12.61
CA HIS A 20 -13.82 3.39 12.16
C HIS A 20 -12.43 3.99 12.31
N THR A 21 -11.42 3.26 11.84
CA THR A 21 -10.05 3.76 11.91
C THR A 21 -9.90 5.10 11.20
N TYR A 22 -10.69 5.34 10.15
CA TYR A 22 -10.58 6.57 9.40
C TYR A 22 -10.82 7.79 10.26
N LEU A 23 -11.52 7.65 11.37
CA LEU A 23 -11.89 8.78 12.23
C LEU A 23 -10.72 9.30 13.04
N GLY A 24 -9.59 8.61 13.07
CA GLY A 24 -8.42 9.08 13.77
C GLY A 24 -7.84 8.01 14.69
N ALA A 25 -6.80 8.42 15.42
CA ALA A 25 -6.01 7.52 16.24
C ALA A 25 -6.29 7.68 17.74
N ASP A 26 -6.10 8.88 18.28
CA ASP A 26 -6.18 9.09 19.72
C ASP A 26 -7.64 9.30 20.11
N MET A 27 -8.30 8.22 20.51
CA MET A 27 -9.70 8.25 20.89
C MET A 27 -9.87 7.67 22.29
N GLU A 28 -10.68 8.34 23.10
CA GLU A 28 -10.98 7.85 24.43
C GLU A 28 -12.14 6.87 24.36
N GLU A 29 -12.18 5.95 25.31
CA GLU A 29 -12.97 4.72 25.16
C GLU A 29 -13.87 4.49 26.39
N PHE A 30 -14.68 5.49 26.74
CA PHE A 30 -15.63 5.35 27.83
C PHE A 30 -16.23 3.94 27.86
N HIS A 31 -16.21 3.32 29.04
CA HIS A 31 -16.72 1.97 29.21
C HIS A 31 -17.86 1.91 30.23
N GLY A 32 -18.68 2.97 30.28
CA GLY A 32 -19.84 3.00 31.14
C GLY A 32 -21.13 2.71 30.39
N ARG A 33 -22.22 2.71 31.14
CA ARG A 33 -23.54 2.44 30.58
C ARG A 33 -24.60 3.14 31.43
N THR A 34 -25.79 3.29 30.84
CA THR A 34 -26.92 3.89 31.53
C THR A 34 -28.20 3.50 30.81
N LEU A 35 -29.26 3.28 31.55
CA LEU A 35 -30.49 2.90 30.91
C LEU A 35 -31.66 3.53 31.60
N HIS A 36 -32.02 4.73 31.17
CA HIS A 36 -33.08 5.43 31.85
C HIS A 36 -34.30 4.52 31.98
N ASP A 37 -35.08 4.69 33.04
CA ASP A 37 -36.22 3.81 33.35
C ASP A 37 -37.06 3.35 32.24
N ASP A 38 -37.64 2.18 32.38
CA ASP A 38 -38.44 1.58 31.31
C ASP A 38 -39.78 2.24 31.05
N ASP A 39 -40.01 3.37 31.67
CA ASP A 39 -41.22 4.10 31.29
C ASP A 39 -41.27 5.60 31.70
N SER A 40 -40.13 6.29 31.79
CA SER A 40 -40.17 7.63 32.31
C SER A 40 -40.00 8.83 31.39
N CYS A 41 -40.71 9.93 31.69
CA CYS A 41 -40.54 11.17 30.96
C CYS A 41 -39.17 11.78 31.24
N GLN A 42 -38.35 11.90 30.20
CA GLN A 42 -36.98 12.35 30.31
C GLN A 42 -36.76 13.56 29.40
N VAL A 43 -35.75 14.35 29.74
CA VAL A 43 -35.32 15.47 28.90
C VAL A 43 -33.97 15.09 28.29
N ILE A 44 -33.91 15.11 26.96
CA ILE A 44 -32.72 14.62 26.27
C ILE A 44 -32.20 15.67 25.28
N PRO A 45 -30.91 15.96 25.26
CA PRO A 45 -30.37 16.90 24.26
C PRO A 45 -30.29 16.23 22.90
N VAL A 46 -30.54 17.01 21.84
CA VAL A 46 -30.57 16.49 20.48
C VAL A 46 -29.37 17.03 19.72
N LEU A 47 -28.94 16.28 18.71
CA LEU A 47 -27.93 16.80 17.79
C LEU A 47 -28.60 17.60 16.68
N PRO A 48 -28.18 18.84 16.44
CA PRO A 48 -28.95 19.71 15.53
C PRO A 48 -29.11 19.19 14.11
N GLN A 49 -28.10 18.51 13.56
CA GLN A 49 -28.10 18.21 12.14
C GLN A 49 -28.29 16.74 11.79
N VAL A 50 -27.99 15.83 12.70
CA VAL A 50 -28.08 14.40 12.39
C VAL A 50 -29.51 14.05 11.98
N MET A 51 -29.68 13.63 10.73
CA MET A 51 -30.99 13.25 10.21
C MET A 51 -31.19 11.74 10.19
N MET A 52 -30.20 10.98 10.62
CA MET A 52 -30.28 9.52 10.60
C MET A 52 -31.45 9.03 11.45
N ILE A 53 -32.05 7.93 11.02
CA ILE A 53 -33.05 7.22 11.83
C ILE A 53 -32.30 6.09 12.52
N LEU A 54 -31.89 6.32 13.76
CA LEU A 54 -31.01 5.40 14.46
C LEU A 54 -31.81 4.26 15.08
N ILE A 55 -31.35 3.04 14.86
CA ILE A 55 -31.94 1.85 15.46
C ILE A 55 -31.06 1.39 16.61
N PRO A 56 -31.64 0.94 17.72
CA PRO A 56 -30.82 0.54 18.87
C PRO A 56 -29.82 -0.54 18.49
N GLY A 57 -28.61 -0.43 19.05
CA GLY A 57 -27.53 -1.33 18.76
C GLY A 57 -26.65 -0.90 17.61
N GLN A 58 -26.98 0.20 16.94
CA GLN A 58 -26.19 0.67 15.82
C GLN A 58 -25.07 1.60 16.30
N THR A 59 -23.94 1.54 15.59
CA THR A 59 -22.86 2.50 15.81
C THR A 59 -23.07 3.69 14.89
N LEU A 60 -23.06 4.89 15.47
CA LEU A 60 -23.32 6.13 14.75
C LEU A 60 -22.13 7.06 14.88
N PRO A 61 -21.19 7.02 13.94
CA PRO A 61 -20.07 7.97 13.98
C PRO A 61 -20.56 9.39 13.72
N LEU A 62 -19.84 10.35 14.27
CA LEU A 62 -20.21 11.75 14.14
C LEU A 62 -18.97 12.62 14.19
N GLN A 63 -18.98 13.68 13.39
CA GLN A 63 -17.90 14.66 13.31
C GLN A 63 -18.55 16.03 13.47
N LEU A 64 -18.47 16.59 14.68
CA LEU A 64 -19.17 17.82 15.02
C LEU A 64 -18.25 19.01 14.85
N PHE A 65 -18.73 20.03 14.13
CA PHE A 65 -17.99 21.26 13.92
C PHE A 65 -18.67 22.47 14.54
N HIS A 66 -20.00 22.44 14.67
CA HIS A 66 -20.73 23.61 15.11
C HIS A 66 -20.38 23.91 16.57
N PRO A 67 -20.16 25.18 16.92
CA PRO A 67 -19.79 25.49 18.31
C PRO A 67 -20.79 24.98 19.35
N GLN A 68 -22.09 25.09 19.09
CA GLN A 68 -23.08 24.64 20.07
C GLN A 68 -23.09 23.11 20.16
N GLU A 69 -22.93 22.43 19.03
CA GLU A 69 -22.83 20.97 19.07
C GLU A 69 -21.63 20.53 19.90
N VAL A 70 -20.48 21.18 19.68
CA VAL A 70 -19.29 20.83 20.44
C VAL A 70 -19.49 21.11 21.92
N SER A 71 -20.10 22.26 22.24
CA SER A 71 -20.36 22.59 23.63
C SER A 71 -21.26 21.53 24.29
N MET A 72 -22.33 21.15 23.60
CA MET A 72 -23.24 20.16 24.15
C MET A 72 -22.54 18.83 24.39
N VAL A 73 -21.78 18.36 23.39
CA VAL A 73 -21.10 17.08 23.56
C VAL A 73 -20.09 17.16 24.70
N ARG A 74 -19.37 18.28 24.80
CA ARG A 74 -18.37 18.42 25.85
C ARG A 74 -19.01 18.43 27.23
N ASN A 75 -20.10 19.18 27.41
CA ASN A 75 -20.79 19.22 28.68
C ASN A 75 -21.67 18.00 28.92
N LEU A 76 -22.14 17.37 27.85
CA LEU A 76 -22.89 16.12 27.96
C LEU A 76 -21.98 14.91 28.08
N ILE A 77 -20.67 15.09 27.92
CA ILE A 77 -19.76 13.96 28.10
C ILE A 77 -19.69 13.55 29.56
N GLN A 78 -19.72 14.52 30.47
CA GLN A 78 -19.55 14.21 31.89
C GLN A 78 -20.84 13.63 32.49
N LYS A 79 -21.91 14.42 32.50
CA LYS A 79 -23.18 14.00 33.10
C LYS A 79 -23.95 13.13 32.12
N ASP A 80 -23.84 11.81 32.28
CA ASP A 80 -24.45 10.88 31.34
C ASP A 80 -23.88 11.13 29.95
N ARG A 81 -24.28 10.31 28.96
CA ARG A 81 -23.76 10.48 27.61
C ARG A 81 -24.84 10.18 26.58
N THR A 82 -26.09 10.48 26.91
CA THR A 82 -27.22 10.16 26.04
C THR A 82 -27.72 11.42 25.36
N PHE A 83 -27.81 11.38 24.05
CA PHE A 83 -28.49 12.39 23.25
C PHE A 83 -29.62 11.75 22.46
N ALA A 84 -30.69 12.51 22.28
CA ALA A 84 -31.93 12.00 21.68
C ALA A 84 -31.89 12.24 20.18
N VAL A 85 -31.53 11.19 19.43
CA VAL A 85 -31.57 11.24 17.98
C VAL A 85 -33.00 10.93 17.54
N LEU A 86 -33.72 11.95 17.09
CA LEU A 86 -35.08 11.80 16.61
C LEU A 86 -35.09 11.02 15.31
N ALA A 87 -36.18 10.31 15.04
CA ALA A 87 -36.40 9.69 13.73
C ALA A 87 -37.40 10.56 12.98
N TYR A 88 -36.90 11.62 12.37
CA TYR A 88 -37.76 12.59 11.71
C TYR A 88 -38.56 11.91 10.61
N SER A 89 -39.86 12.24 10.56
CA SER A 89 -40.75 11.62 9.58
C SER A 89 -40.45 12.14 8.18
N ASN A 90 -41.26 11.73 7.20
CA ASN A 90 -41.06 12.20 5.84
C ASN A 90 -41.05 13.73 5.78
N VAL A 91 -41.76 14.37 6.70
CA VAL A 91 -41.66 15.82 6.87
C VAL A 91 -40.40 16.10 7.67
N GLN A 92 -39.30 16.35 6.97
CA GLN A 92 -37.99 16.37 7.61
C GLN A 92 -37.89 17.42 8.71
N GLU A 93 -38.39 18.62 8.44
CA GLU A 93 -38.26 19.70 9.42
C GLU A 93 -39.12 19.40 10.65
N ARG A 94 -38.50 19.40 11.82
CA ARG A 94 -39.16 19.01 13.06
C ARG A 94 -40.01 17.77 12.85
N GLU A 95 -41.29 17.86 13.22
CA GLU A 95 -42.27 16.81 12.97
C GLU A 95 -41.67 15.42 13.16
N ALA A 96 -41.05 15.23 14.32
CA ALA A 96 -40.50 13.94 14.74
C ALA A 96 -41.36 13.45 15.89
N GLN A 97 -41.89 12.23 15.76
CA GLN A 97 -42.76 11.70 16.81
C GLN A 97 -42.07 10.64 17.66
N PHE A 98 -41.08 9.95 17.11
CA PHE A 98 -40.37 8.90 17.84
C PHE A 98 -38.87 9.08 17.64
N GLY A 99 -38.10 8.27 18.34
CA GLY A 99 -36.67 8.37 18.17
C GLY A 99 -35.94 7.40 19.08
N THR A 100 -34.62 7.48 19.03
CA THR A 100 -33.76 6.60 19.80
C THR A 100 -32.79 7.47 20.59
N THR A 101 -32.28 6.92 21.69
CA THR A 101 -31.24 7.57 22.45
C THR A 101 -29.90 6.94 22.10
N ALA A 102 -28.89 7.77 21.91
CA ALA A 102 -27.53 7.32 21.66
C ALA A 102 -26.66 7.68 22.85
N GLU A 103 -25.62 6.89 23.08
CA GLU A 103 -24.72 7.06 24.20
C GLU A 103 -23.30 7.13 23.68
N ILE A 104 -22.60 8.22 24.01
CA ILE A 104 -21.24 8.42 23.51
C ILE A 104 -20.33 7.39 24.16
N TYR A 105 -19.77 6.50 23.34
CA TYR A 105 -18.82 5.53 23.82
C TYR A 105 -17.41 5.73 23.27
N ALA A 106 -17.19 6.68 22.37
CA ALA A 106 -15.83 7.02 21.95
C ALA A 106 -15.78 8.52 21.64
N TYR A 107 -15.10 9.29 22.49
CA TYR A 107 -15.07 10.73 22.37
C TYR A 107 -13.65 11.21 22.13
N ARG A 108 -13.49 12.26 21.33
CA ARG A 108 -12.18 12.88 21.20
C ARG A 108 -12.32 14.29 20.65
N GLU A 109 -11.52 15.21 21.21
CA GLU A 109 -11.40 16.55 20.67
C GLU A 109 -10.14 16.68 19.83
N GLU A 110 -10.14 17.67 18.94
CA GLU A 110 -8.98 18.00 18.10
C GLU A 110 -8.97 19.50 17.85
N GLN A 111 -8.21 20.23 18.67
CA GLN A 111 -7.97 21.64 18.41
C GLN A 111 -6.83 21.85 17.41
N ASP A 112 -6.08 20.81 17.10
CA ASP A 112 -4.99 20.93 16.15
C ASP A 112 -5.53 21.37 14.79
N PHE A 113 -4.80 22.26 14.11
CA PHE A 113 -5.26 23.00 12.94
C PHE A 113 -6.14 24.18 13.31
N GLY A 114 -6.25 24.51 14.59
CA GLY A 114 -7.04 25.66 15.01
C GLY A 114 -8.52 25.56 14.74
N ILE A 115 -9.10 24.37 14.89
CA ILE A 115 -10.54 24.16 14.75
C ILE A 115 -10.98 23.16 15.80
N GLU A 116 -12.22 23.34 16.28
CA GLU A 116 -12.74 22.50 17.36
C GLU A 116 -12.81 21.04 16.94
N ILE A 117 -13.65 20.74 15.94
CA ILE A 117 -13.86 19.39 15.41
C ILE A 117 -13.81 18.33 16.51
N VAL A 118 -14.97 17.88 16.97
CA VAL A 118 -15.08 16.81 17.94
C VAL A 118 -15.54 15.55 17.22
N LYS A 119 -14.78 14.47 17.36
CA LYS A 119 -15.13 13.20 16.74
C LYS A 119 -15.68 12.26 17.81
N VAL A 120 -16.90 11.79 17.60
CA VAL A 120 -17.60 10.97 18.58
C VAL A 120 -18.17 9.73 17.90
N LYS A 121 -18.36 8.68 18.69
CA LYS A 121 -18.97 7.44 18.27
C LYS A 121 -19.93 7.01 19.35
N ALA A 122 -21.21 6.91 19.00
CA ALA A 122 -22.28 6.57 19.92
C ALA A 122 -23.09 5.41 19.36
N ILE A 123 -23.70 4.66 20.27
CA ILE A 123 -24.49 3.48 19.93
C ILE A 123 -25.88 3.65 20.51
N GLY A 124 -26.90 3.37 19.69
CA GLY A 124 -28.27 3.56 20.13
C GLY A 124 -28.66 2.58 21.23
N ARG A 125 -29.39 3.08 22.22
CA ARG A 125 -29.75 2.29 23.39
C ARG A 125 -31.26 2.07 23.53
N GLN A 126 -32.06 3.13 23.56
CA GLN A 126 -33.48 3.01 23.85
C GLN A 126 -34.31 3.64 22.74
N ARG A 127 -35.62 3.42 22.83
CA ARG A 127 -36.59 4.02 21.91
C ARG A 127 -37.60 4.81 22.73
N PHE A 128 -38.01 5.96 22.21
CA PHE A 128 -38.85 6.89 22.95
C PHE A 128 -39.84 7.58 22.02
N LYS A 129 -40.98 7.94 22.59
CA LYS A 129 -41.95 8.81 21.95
C LYS A 129 -41.75 10.23 22.47
N VAL A 130 -41.65 11.19 21.55
CA VAL A 130 -41.34 12.56 21.93
C VAL A 130 -42.62 13.24 22.38
N LEU A 131 -42.79 13.39 23.68
CA LEU A 131 -43.95 14.08 24.22
C LEU A 131 -43.90 15.58 23.92
N GLU A 132 -42.72 16.15 23.72
CA GLU A 132 -42.58 17.58 23.51
C GLU A 132 -41.17 17.90 23.05
N LEU A 133 -40.96 19.14 22.64
CA LEU A 133 -39.69 19.57 22.06
C LEU A 133 -39.46 21.04 22.41
N ARG A 134 -38.69 21.27 23.47
CA ARG A 134 -38.34 22.63 23.90
C ARG A 134 -37.00 23.00 23.31
N THR A 135 -36.72 24.29 23.22
CA THR A 135 -35.47 24.78 22.64
C THR A 135 -34.59 25.38 23.73
N GLN A 136 -33.33 24.97 23.77
CA GLN A 136 -32.38 25.52 24.71
C GLN A 136 -32.04 26.96 24.32
N SER A 137 -31.29 27.64 25.21
CA SER A 137 -30.93 29.02 24.97
C SER A 137 -29.90 29.18 23.86
N ASP A 138 -29.24 28.10 23.42
CA ASP A 138 -28.28 28.16 22.32
C ASP A 138 -28.58 27.04 21.31
N GLY A 139 -29.52 27.33 20.41
CA GLY A 139 -29.83 26.46 19.29
C GLY A 139 -29.76 24.97 19.56
N ILE A 140 -30.23 24.54 20.74
CA ILE A 140 -30.12 23.16 21.17
C ILE A 140 -31.51 22.68 21.55
N GLN A 141 -31.91 21.51 21.04
CA GLN A 141 -33.24 20.99 21.29
C GLN A 141 -33.22 20.04 22.49
N GLN A 142 -34.00 20.37 23.51
CA GLN A 142 -34.25 19.48 24.63
C GLN A 142 -35.59 18.79 24.39
N ALA A 143 -35.56 17.48 24.19
CA ALA A 143 -36.74 16.71 23.85
C ALA A 143 -37.30 16.04 25.10
N LYS A 144 -38.59 16.25 25.35
CA LYS A 144 -39.30 15.60 26.43
C LYS A 144 -39.91 14.31 25.87
N VAL A 145 -39.41 13.18 26.34
CA VAL A 145 -39.64 11.89 25.68
C VAL A 145 -40.00 10.85 26.72
N GLN A 146 -41.01 10.03 26.43
CA GLN A 146 -41.39 8.93 27.29
C GLN A 146 -40.86 7.63 26.69
N ILE A 147 -40.09 6.89 27.47
CA ILE A 147 -39.41 5.71 26.96
C ILE A 147 -40.44 4.64 26.61
N LEU A 148 -40.30 4.06 25.42
CA LEU A 148 -41.20 2.99 25.01
C LEU A 148 -40.81 1.69 25.69
N PRO A 149 -41.79 0.85 26.02
CA PRO A 149 -41.50 -0.44 26.64
C PRO A 149 -41.09 -1.48 25.62
N GLU A 150 -40.29 -2.44 26.07
CA GLU A 150 -39.94 -3.56 25.21
C GLU A 150 -40.94 -4.60 25.62
N CYS A 151 -41.77 -5.02 24.70
CA CYS A 151 -42.85 -5.96 24.96
C CYS A 151 -42.36 -7.38 24.69
N VAL A 152 -41.68 -7.95 25.69
CA VAL A 152 -41.32 -9.36 25.63
C VAL A 152 -42.58 -10.19 25.86
N LEU A 153 -42.87 -11.10 24.93
CA LEU A 153 -44.11 -11.85 24.97
C LEU A 153 -43.93 -13.18 25.67
N ALA A 213 -40.65 -18.06 17.75
CA ALA A 213 -39.62 -17.10 18.14
C ALA A 213 -38.23 -17.60 17.75
N GLU A 214 -37.84 -18.74 18.30
CA GLU A 214 -36.56 -19.35 17.93
C GLU A 214 -36.57 -19.71 16.45
N THR A 215 -37.66 -20.29 15.97
CA THR A 215 -37.75 -20.67 14.57
C THR A 215 -37.51 -19.47 13.66
N LEU A 216 -38.11 -18.33 14.00
CA LEU A 216 -37.92 -17.14 13.18
C LEU A 216 -36.46 -16.70 13.17
N MET A 217 -35.80 -16.76 14.32
CA MET A 217 -34.41 -16.35 14.38
C MET A 217 -33.54 -17.26 13.52
N ASP A 218 -33.76 -18.58 13.60
CA ASP A 218 -32.99 -19.51 12.77
C ASP A 218 -33.30 -19.30 11.29
N ARG A 219 -34.56 -19.06 10.95
CA ARG A 219 -34.91 -18.79 9.57
C ARG A 219 -34.24 -17.53 9.04
N ILE A 220 -34.14 -16.49 9.87
CA ILE A 220 -33.44 -15.28 9.46
C ILE A 220 -31.96 -15.57 9.27
N LYS A 221 -31.37 -16.33 10.20
CA LYS A 221 -29.97 -16.75 10.01
C LYS A 221 -29.79 -17.50 8.70
N LYS A 222 -30.81 -18.25 8.28
CA LYS A 222 -30.72 -18.99 7.04
C LYS A 222 -30.37 -18.09 5.86
N GLN A 223 -30.77 -16.82 5.89
CA GLN A 223 -30.37 -15.87 4.85
C GLN A 223 -29.20 -15.00 5.28
N LEU A 224 -29.06 -14.73 6.57
CA LEU A 224 -27.92 -13.96 7.05
C LEU A 224 -26.61 -14.67 6.79
N ARG A 225 -26.63 -15.98 6.58
CA ARG A 225 -25.41 -16.70 6.22
C ARG A 225 -25.02 -16.51 4.75
N GLU A 226 -25.99 -16.37 3.85
CA GLU A 226 -25.66 -16.14 2.45
C GLU A 226 -24.87 -14.86 2.27
N TRP A 227 -25.26 -13.79 2.97
CA TRP A 227 -24.43 -12.61 3.03
C TRP A 227 -23.31 -12.83 4.04
N ASP A 228 -22.06 -12.85 3.57
CA ASP A 228 -20.91 -12.91 4.46
C ASP A 228 -20.97 -14.15 5.35
N GLU A 229 -20.77 -15.31 4.71
CA GLU A 229 -20.87 -16.59 5.39
C GLU A 229 -20.33 -16.47 6.81
N ASN A 230 -21.16 -16.78 7.79
CA ASN A 230 -20.89 -16.40 9.18
C ASN A 230 -20.00 -17.41 9.86
N LEU A 231 -19.07 -16.91 10.69
CA LEU A 231 -18.18 -17.78 11.44
C LEU A 231 -18.96 -18.69 12.37
N LYS A 232 -19.81 -18.11 13.21
CA LYS A 232 -20.65 -18.87 14.14
C LYS A 232 -21.66 -17.89 14.73
N ASP A 233 -22.39 -18.36 15.75
CA ASP A 233 -23.41 -17.54 16.41
C ASP A 233 -22.81 -16.47 17.31
N ASP A 234 -21.50 -16.19 17.22
CA ASP A 234 -20.91 -15.15 18.05
C ASP A 234 -21.66 -13.83 17.90
N SER A 235 -21.95 -13.45 16.66
CA SER A 235 -22.79 -12.28 16.40
C SER A 235 -24.26 -12.71 16.46
N LEU A 236 -25.16 -11.77 16.19
CA LEU A 236 -26.59 -12.07 16.25
C LEU A 236 -26.95 -12.59 17.63
N PRO A 237 -26.97 -11.72 18.64
CA PRO A 237 -27.21 -12.20 20.02
C PRO A 237 -28.45 -13.08 20.12
N SER A 238 -28.42 -13.99 21.09
CA SER A 238 -29.53 -14.93 21.25
C SER A 238 -30.82 -14.21 21.61
N ASN A 239 -30.73 -13.17 22.44
CA ASN A 239 -31.93 -12.48 22.89
C ASN A 239 -32.72 -11.98 21.69
N PRO A 240 -34.03 -12.26 21.62
CA PRO A 240 -34.78 -11.86 20.42
C PRO A 240 -34.70 -10.39 20.09
N ILE A 241 -34.71 -9.52 21.11
CA ILE A 241 -34.71 -8.08 20.86
C ILE A 241 -33.40 -7.67 20.19
N ASP A 242 -32.28 -8.13 20.72
CA ASP A 242 -30.98 -7.74 20.17
C ASP A 242 -30.83 -8.24 18.73
N PHE A 243 -31.19 -9.50 18.48
CA PHE A 243 -31.07 -10.05 17.14
C PHE A 243 -31.99 -9.30 16.17
N SER A 244 -33.22 -9.01 16.61
CA SER A 244 -34.16 -8.31 15.74
C SER A 244 -33.63 -6.92 15.39
N TYR A 245 -33.12 -6.19 16.37
CA TYR A 245 -32.59 -4.86 16.09
C TYR A 245 -31.38 -4.93 15.17
N ARG A 246 -30.48 -5.88 15.42
CA ARG A 246 -29.30 -6.02 14.57
C ARG A 246 -29.69 -6.32 13.13
N VAL A 247 -30.67 -7.21 12.93
CA VAL A 247 -31.11 -7.49 11.57
C VAL A 247 -31.75 -6.25 10.96
N ALA A 248 -32.62 -5.57 11.71
CA ALA A 248 -33.29 -4.39 11.18
C ALA A 248 -32.30 -3.33 10.75
N ALA A 249 -31.16 -3.27 11.42
CA ALA A 249 -30.15 -2.28 11.05
C ALA A 249 -29.53 -2.56 9.69
N CYS A 250 -29.79 -3.73 9.10
CA CYS A 250 -29.09 -4.12 7.88
C CYS A 250 -29.98 -4.11 6.65
N LEU A 251 -31.29 -4.22 6.81
CA LEU A 251 -32.16 -4.26 5.63
C LEU A 251 -32.02 -2.97 4.84
N PRO A 252 -31.86 -3.05 3.52
CA PRO A 252 -31.71 -1.83 2.72
C PRO A 252 -33.02 -1.10 2.49
N ILE A 253 -34.05 -1.46 3.25
CA ILE A 253 -35.35 -0.82 3.07
C ILE A 253 -35.23 0.68 3.35
N ASP A 254 -36.23 1.42 2.87
CA ASP A 254 -36.20 2.87 3.00
C ASP A 254 -36.67 3.29 4.40
N ASP A 255 -36.80 4.60 4.59
CA ASP A 255 -37.11 5.16 5.91
C ASP A 255 -38.55 4.92 6.33
N VAL A 256 -39.52 5.09 5.44
CA VAL A 256 -40.92 4.97 5.84
C VAL A 256 -41.19 3.59 6.43
N LEU A 257 -40.62 2.56 5.83
CA LEU A 257 -40.65 1.22 6.42
C LEU A 257 -39.77 1.11 7.64
N ARG A 258 -38.78 1.99 7.80
CA ARG A 258 -37.92 1.96 8.97
C ARG A 258 -38.60 2.49 10.22
N ILE A 259 -39.44 3.53 10.09
CA ILE A 259 -40.21 3.99 11.23
C ILE A 259 -41.20 2.93 11.69
N GLN A 260 -41.86 2.25 10.74
CA GLN A 260 -42.78 1.19 11.11
C GLN A 260 -42.04 0.06 11.83
N LEU A 261 -40.88 -0.34 11.31
CA LEU A 261 -40.10 -1.37 11.98
C LEU A 261 -39.63 -0.92 13.35
N LEU A 262 -39.37 0.36 13.53
CA LEU A 262 -39.02 0.90 14.84
C LEU A 262 -40.24 1.04 15.75
N LYS A 263 -41.41 1.20 15.21
CA LYS A 263 -42.53 1.41 16.08
C LYS A 263 -43.23 0.10 16.25
N ILE A 264 -42.51 -1.01 16.09
CA ILE A 264 -43.14 -2.29 16.18
C ILE A 264 -43.28 -2.44 17.63
N GLY A 265 -42.38 -3.13 18.28
CA GLY A 265 -42.60 -3.35 19.68
C GLY A 265 -42.06 -4.63 20.18
N SER A 266 -42.86 -5.70 20.10
CA SER A 266 -42.41 -6.94 20.64
C SER A 266 -41.54 -7.44 19.59
N ALA A 267 -40.58 -8.21 20.00
CA ALA A 267 -39.61 -8.67 19.01
C ALA A 267 -40.26 -9.55 17.96
N ILE A 268 -41.35 -10.24 18.30
CA ILE A 268 -41.92 -11.22 17.39
C ILE A 268 -42.42 -10.55 16.11
N GLN A 269 -43.21 -9.48 16.26
CA GLN A 269 -43.69 -8.79 15.07
C GLN A 269 -42.56 -8.11 14.31
N ARG A 270 -41.47 -7.78 15.00
CA ARG A 270 -40.31 -7.23 14.31
C ARG A 270 -39.66 -8.28 13.40
N LEU A 271 -39.43 -9.48 13.94
CA LEU A 271 -38.86 -10.54 13.12
C LEU A 271 -39.82 -10.95 12.00
N ARG A 272 -41.12 -10.86 12.27
CA ARG A 272 -42.08 -11.22 11.24
C ARG A 272 -42.18 -10.14 10.17
N CYS A 273 -41.78 -8.92 10.49
CA CYS A 273 -41.66 -7.88 9.47
C CYS A 273 -40.30 -7.89 8.78
N GLU A 274 -39.28 -8.47 9.41
CA GLU A 274 -37.97 -8.60 8.81
C GLU A 274 -37.88 -9.83 7.92
N LEU A 275 -38.26 -11.00 8.46
CA LEU A 275 -38.41 -12.17 7.62
C LEU A 275 -39.48 -11.97 6.56
N ASP A 276 -40.38 -11.01 6.76
CA ASP A 276 -41.32 -10.64 5.71
C ASP A 276 -40.59 -9.97 4.56
N ILE A 277 -39.94 -8.83 4.83
CA ILE A 277 -39.13 -8.15 3.80
C ILE A 277 -37.72 -8.72 3.93
N MET A 278 -37.55 -9.94 3.43
CA MET A 278 -36.26 -10.49 3.09
C MET A 278 -36.27 -11.29 1.80
N ASN A 279 -37.44 -11.79 1.38
CA ASN A 279 -37.59 -12.53 0.14
C ASN A 279 -38.57 -11.85 -0.80
N LYS A 280 -39.38 -10.91 -0.31
CA LYS A 280 -40.33 -10.19 -1.14
C LYS A 280 -39.67 -9.15 -2.03
N CYS A 281 -38.83 -8.29 -1.44
CA CYS A 281 -38.12 -7.28 -2.23
C CYS A 281 -37.20 -7.96 -3.24
N THR A 282 -37.14 -7.38 -4.44
CA THR A 282 -36.48 -8.02 -5.58
C THR A 282 -35.24 -7.28 -6.06
N SER A 283 -35.27 -5.95 -6.12
CA SER A 283 -34.15 -5.19 -6.64
C SER A 283 -34.03 -3.86 -5.91
N LEU A 284 -32.78 -3.42 -5.69
CA LEU A 284 -32.50 -2.07 -5.22
C LEU A 284 -32.24 -1.20 -6.44
N CYS A 285 -33.05 -0.16 -6.61
CA CYS A 285 -33.04 0.67 -7.80
C CYS A 285 -32.86 2.14 -7.46
N CYS A 286 -32.53 2.93 -8.48
CA CYS A 286 -32.37 4.36 -8.31
C CYS A 286 -33.65 4.98 -7.75
N LYS A 287 -33.49 5.89 -6.80
CA LYS A 287 -34.65 6.52 -6.17
C LYS A 287 -35.08 7.77 -6.93
N GLN A 288 -34.15 8.66 -7.21
CA GLN A 288 -34.46 9.93 -7.88
C GLN A 288 -34.90 9.85 -9.29
N CYS A 289 -34.90 8.68 -9.88
CA CYS A 289 -35.49 8.55 -11.20
C CYS A 289 -36.41 7.36 -11.15
N GLN A 290 -36.00 6.29 -10.49
CA GLN A 290 -36.82 5.11 -10.30
C GLN A 290 -36.77 4.11 -11.48
N GLU A 291 -35.89 4.35 -12.44
CA GLU A 291 -35.85 3.40 -13.55
C GLU A 291 -34.68 2.46 -13.51
N THR A 292 -33.48 2.95 -13.20
CA THR A 292 -32.30 2.11 -13.20
C THR A 292 -32.42 1.00 -12.16
N GLU A 293 -31.96 -0.18 -12.53
CA GLU A 293 -31.89 -1.34 -11.63
C GLU A 293 -30.44 -1.45 -11.15
N ILE A 294 -30.17 -0.95 -9.95
CA ILE A 294 -28.80 -0.88 -9.49
C ILE A 294 -28.27 -2.25 -9.10
N THR A 295 -28.92 -2.92 -8.14
CA THR A 295 -28.39 -4.19 -7.65
C THR A 295 -29.52 -5.11 -7.22
N THR A 296 -29.14 -6.32 -6.85
CA THR A 296 -30.04 -7.33 -6.28
C THR A 296 -29.38 -8.01 -5.11
N LYS A 297 -30.21 -8.64 -4.27
CA LYS A 297 -29.70 -9.29 -3.07
C LYS A 297 -28.68 -10.39 -3.39
N ASN A 298 -28.78 -10.99 -4.58
CA ASN A 298 -27.80 -11.99 -4.95
C ASN A 298 -26.39 -11.44 -4.93
N GLU A 299 -26.23 -10.14 -5.17
CA GLU A 299 -24.93 -9.50 -5.16
C GLU A 299 -24.56 -8.91 -3.80
N ILE A 300 -25.47 -8.91 -2.84
CA ILE A 300 -25.22 -8.29 -1.54
C ILE A 300 -24.26 -9.16 -0.74
N PHE A 301 -23.48 -8.51 0.12
CA PHE A 301 -22.56 -9.19 1.02
C PHE A 301 -22.07 -8.16 2.01
N SER A 302 -21.59 -8.64 3.17
CA SER A 302 -21.19 -7.76 4.25
C SER A 302 -19.68 -7.84 4.45
N LEU A 303 -19.03 -6.69 4.38
CA LEU A 303 -17.61 -6.57 4.63
C LEU A 303 -17.29 -6.25 6.09
N SER A 304 -18.30 -6.11 6.93
CA SER A 304 -18.12 -5.77 8.32
C SER A 304 -19.00 -6.66 9.19
N LEU A 305 -18.57 -6.86 10.44
CA LEU A 305 -19.35 -7.67 11.35
C LEU A 305 -20.77 -7.11 11.51
N CYS A 306 -20.91 -5.80 11.42
CA CYS A 306 -22.23 -5.19 11.57
C CYS A 306 -23.22 -5.68 10.53
N GLY A 307 -22.74 -6.14 9.38
CA GLY A 307 -23.62 -6.65 8.36
C GLY A 307 -23.47 -5.90 7.05
N PRO A 308 -24.33 -6.22 6.08
CA PRO A 308 -24.22 -5.58 4.77
C PRO A 308 -24.24 -4.06 4.82
N MET A 309 -25.07 -3.48 5.68
CA MET A 309 -25.18 -2.03 5.79
C MET A 309 -24.58 -1.56 7.11
N ALA A 310 -24.14 -0.30 7.13
CA ALA A 310 -23.56 0.31 8.31
C ALA A 310 -23.58 1.81 8.11
N ALA A 311 -23.13 2.53 9.14
CA ALA A 311 -23.11 3.99 9.13
C ALA A 311 -21.67 4.49 9.17
N TYR A 312 -21.33 5.40 8.27
CA TYR A 312 -20.03 6.02 8.23
C TYR A 312 -20.20 7.53 8.08
N VAL A 313 -19.12 8.28 8.25
CA VAL A 313 -19.15 9.73 8.15
C VAL A 313 -18.08 10.18 7.16
N ASN A 314 -18.44 11.13 6.31
CA ASN A 314 -17.48 11.76 5.42
C ASN A 314 -16.84 12.96 6.10
N PRO A 315 -15.68 13.39 5.61
CA PRO A 315 -14.92 14.42 6.31
C PRO A 315 -15.71 15.68 6.66
N HIS A 316 -16.88 15.86 6.06
CA HIS A 316 -17.69 17.05 6.30
C HIS A 316 -18.76 16.84 7.37
N GLY A 317 -18.84 15.65 7.97
CA GLY A 317 -19.78 15.37 9.02
C GLY A 317 -21.02 14.63 8.59
N TYR A 318 -21.31 14.60 7.29
CA TYR A 318 -22.51 13.91 6.83
C TYR A 318 -22.40 12.41 7.10
N VAL A 319 -23.53 11.80 7.43
CA VAL A 319 -23.59 10.38 7.78
C VAL A 319 -24.23 9.63 6.62
N HIS A 320 -23.57 8.57 6.18
CA HIS A 320 -24.01 7.76 5.04
C HIS A 320 -24.21 6.33 5.49
N GLU A 321 -25.31 5.73 5.08
CA GLU A 321 -25.56 4.30 5.28
C GLU A 321 -25.22 3.61 3.97
N THR A 322 -24.06 2.97 3.93
CA THR A 322 -23.53 2.39 2.70
C THR A 322 -23.69 0.87 2.74
N LEU A 323 -24.56 0.36 1.87
CA LEU A 323 -24.71 -1.08 1.72
C LEU A 323 -23.65 -1.61 0.77
N THR A 324 -22.96 -2.67 1.20
CA THR A 324 -21.87 -3.24 0.42
C THR A 324 -22.41 -4.35 -0.49
N VAL A 325 -22.07 -4.26 -1.77
CA VAL A 325 -22.51 -5.21 -2.78
C VAL A 325 -21.32 -5.63 -3.64
N TYR A 326 -21.48 -6.76 -4.30
CA TYR A 326 -20.44 -7.29 -5.19
C TYR A 326 -20.51 -6.68 -6.58
N LYS A 327 -21.71 -6.45 -7.11
CA LYS A 327 -21.87 -5.97 -8.47
C LYS A 327 -23.03 -5.01 -8.53
N ALA A 328 -22.83 -3.87 -9.20
CA ALA A 328 -23.87 -2.91 -9.46
C ALA A 328 -23.81 -2.49 -10.93
N CYS A 329 -24.95 -2.09 -11.47
CA CYS A 329 -25.05 -1.73 -12.88
C CYS A 329 -25.78 -0.41 -13.02
N ASN A 330 -25.63 0.20 -14.20
CA ASN A 330 -26.20 1.49 -14.52
C ASN A 330 -25.48 2.64 -13.81
N LEU A 331 -24.30 2.37 -13.25
CA LEU A 331 -23.51 3.37 -12.57
C LEU A 331 -22.28 3.72 -13.40
N ASN A 332 -21.94 5.00 -13.45
CA ASN A 332 -20.72 5.46 -14.08
C ASN A 332 -19.86 6.21 -13.05
N LEU A 333 -18.55 6.12 -13.22
CA LEU A 333 -17.61 6.62 -12.24
C LEU A 333 -17.13 8.01 -12.63
N ILE A 334 -16.82 8.82 -11.62
CA ILE A 334 -16.40 10.20 -11.80
C ILE A 334 -15.09 10.40 -11.07
N GLY A 335 -14.15 11.09 -11.72
CA GLY A 335 -12.85 11.32 -11.12
C GLY A 335 -11.98 10.08 -11.17
N ARG A 336 -11.00 10.03 -10.28
CA ARG A 336 -10.06 8.93 -10.19
C ARG A 336 -10.08 8.33 -8.79
N PRO A 337 -9.68 7.07 -8.65
CA PRO A 337 -9.69 6.43 -7.34
C PRO A 337 -8.81 7.19 -6.35
N SER A 338 -9.30 7.29 -5.11
CA SER A 338 -8.56 7.91 -4.03
C SER A 338 -8.67 7.04 -2.79
N THR A 339 -7.67 7.17 -1.91
CA THR A 339 -7.64 6.43 -0.66
C THR A 339 -7.71 7.36 0.55
N GLU A 340 -8.27 8.56 0.38
CA GLU A 340 -8.37 9.53 1.45
C GLU A 340 -9.63 9.28 2.26
N HIS A 341 -9.49 9.20 3.57
CA HIS A 341 -10.63 9.06 4.48
C HIS A 341 -11.46 7.83 4.12
N SER A 342 -10.79 6.77 3.66
CA SER A 342 -11.48 5.59 3.17
C SER A 342 -12.11 4.83 4.33
N TRP A 343 -13.42 4.59 4.24
CA TRP A 343 -14.12 3.86 5.29
C TRP A 343 -13.60 2.44 5.44
N PHE A 344 -13.13 1.83 4.37
CA PHE A 344 -12.59 0.47 4.40
C PHE A 344 -11.09 0.53 4.16
N PRO A 345 -10.26 0.33 5.18
CA PRO A 345 -8.82 0.48 4.99
C PRO A 345 -8.30 -0.45 3.91
N GLY A 346 -7.37 0.07 3.11
CA GLY A 346 -6.80 -0.70 2.02
C GLY A 346 -7.56 -0.65 0.72
N TYR A 347 -8.63 0.15 0.63
CA TYR A 347 -9.42 0.24 -0.58
C TYR A 347 -9.56 1.69 -0.99
N ALA A 348 -9.72 1.91 -2.29
CA ALA A 348 -9.88 3.23 -2.87
C ALA A 348 -11.31 3.39 -3.38
N TRP A 349 -11.82 4.62 -3.31
CA TRP A 349 -13.21 4.90 -3.64
C TRP A 349 -13.29 5.85 -4.84
N THR A 350 -14.28 5.60 -5.70
CA THR A 350 -14.57 6.46 -6.84
C THR A 350 -16.05 6.79 -6.83
N VAL A 351 -16.38 8.08 -6.98
CA VAL A 351 -17.76 8.51 -6.94
C VAL A 351 -18.55 7.84 -8.05
N ALA A 352 -19.74 7.34 -7.72
CA ALA A 352 -20.61 6.65 -8.66
C ALA A 352 -21.92 7.41 -8.81
N GLN A 353 -22.34 7.59 -10.06
CA GLN A 353 -23.59 8.28 -10.36
C GLN A 353 -24.40 7.45 -11.35
N CYS A 354 -25.72 7.50 -11.21
CA CYS A 354 -26.54 6.71 -12.12
C CYS A 354 -26.50 7.33 -13.52
N LYS A 355 -26.78 6.50 -14.52
CA LYS A 355 -26.57 6.86 -15.91
C LYS A 355 -27.71 7.66 -16.51
N ILE A 356 -28.77 7.93 -15.75
CA ILE A 356 -29.95 8.59 -16.31
C ILE A 356 -30.27 9.92 -15.64
N CYS A 357 -29.93 10.14 -14.38
CA CYS A 357 -30.19 11.43 -13.76
C CYS A 357 -29.03 11.96 -12.92
N ALA A 358 -27.86 11.32 -12.97
CA ALA A 358 -26.66 11.82 -12.32
C ALA A 358 -26.91 12.12 -10.83
N SER A 359 -27.52 11.14 -10.17
CA SER A 359 -27.76 11.20 -8.73
C SER A 359 -26.66 10.42 -8.03
N HIS A 360 -25.86 11.11 -7.20
CA HIS A 360 -24.77 10.45 -6.51
C HIS A 360 -25.32 9.25 -5.75
N ILE A 361 -24.93 8.04 -6.15
CA ILE A 361 -25.51 6.83 -5.60
C ILE A 361 -24.57 6.10 -4.64
N GLY A 362 -23.26 6.28 -4.79
CA GLY A 362 -22.34 5.56 -3.92
C GLY A 362 -20.93 5.63 -4.44
N TRP A 363 -20.16 4.58 -4.15
CA TRP A 363 -18.76 4.53 -4.49
C TRP A 363 -18.39 3.12 -4.92
N LYS A 364 -17.33 3.04 -5.74
CA LYS A 364 -16.77 1.76 -6.17
C LYS A 364 -15.40 1.60 -5.51
N PHE A 365 -15.31 0.69 -4.56
CA PHE A 365 -14.07 0.48 -3.82
C PHE A 365 -13.24 -0.59 -4.52
N THR A 366 -11.95 -0.33 -4.63
CA THR A 366 -11.01 -1.22 -5.30
C THR A 366 -9.78 -1.43 -4.43
N ALA A 367 -9.11 -2.55 -4.63
CA ALA A 367 -7.96 -2.90 -3.82
C ALA A 367 -6.79 -1.96 -4.10
N THR A 368 -5.95 -1.77 -3.09
CA THR A 368 -4.78 -0.92 -3.21
C THR A 368 -3.51 -1.51 -2.61
N LYS A 369 -3.61 -2.58 -1.83
CA LYS A 369 -2.45 -3.24 -1.23
C LYS A 369 -2.28 -4.63 -1.84
N LYS A 370 -1.27 -5.34 -1.35
CA LYS A 370 -0.94 -6.65 -1.89
C LYS A 370 -1.76 -7.75 -1.22
N ASP A 371 -2.25 -8.68 -2.03
CA ASP A 371 -2.99 -9.85 -1.54
C ASP A 371 -4.26 -9.44 -0.81
N MET A 372 -5.15 -8.77 -1.54
CA MET A 372 -6.46 -8.39 -1.05
C MET A 372 -7.52 -9.27 -1.70
N SER A 373 -8.40 -9.87 -0.90
CA SER A 373 -9.31 -10.87 -1.41
C SER A 373 -10.32 -10.29 -2.39
N PRO A 374 -11.23 -9.41 -1.96
CA PRO A 374 -12.16 -8.79 -2.93
C PRO A 374 -11.49 -7.63 -3.63
N GLN A 375 -11.15 -7.82 -4.90
CA GLN A 375 -10.45 -6.78 -5.64
C GLN A 375 -11.36 -5.60 -6.00
N LYS A 376 -12.67 -5.74 -5.85
CA LYS A 376 -13.58 -4.64 -6.12
C LYS A 376 -14.98 -4.92 -5.59
N PHE A 377 -15.57 -3.93 -4.94
CA PHE A 377 -16.96 -4.01 -4.51
C PHE A 377 -17.56 -2.61 -4.59
N TRP A 378 -18.82 -2.49 -4.19
CA TRP A 378 -19.52 -1.22 -4.26
C TRP A 378 -20.16 -0.91 -2.92
N GLY A 379 -20.14 0.37 -2.55
CA GLY A 379 -20.89 0.83 -1.41
C GLY A 379 -21.94 1.83 -1.84
N LEU A 380 -23.21 1.45 -1.78
CA LEU A 380 -24.31 2.28 -2.25
C LEU A 380 -24.97 2.95 -1.06
N THR A 381 -25.06 4.28 -1.10
CA THR A 381 -25.70 4.99 -0.01
C THR A 381 -27.21 4.74 -0.04
N ARG A 382 -27.75 4.31 1.09
CA ARG A 382 -29.15 3.90 1.14
C ARG A 382 -30.12 5.05 0.91
N SER A 383 -29.68 6.29 1.09
CA SER A 383 -30.54 7.44 0.89
C SER A 383 -30.95 7.64 -0.56
N ALA A 384 -30.29 6.95 -1.50
CA ALA A 384 -30.62 7.08 -2.92
C ALA A 384 -31.06 5.75 -3.54
N LEU A 385 -31.52 4.81 -2.73
CA LEU A 385 -31.99 3.51 -3.21
C LEU A 385 -33.44 3.30 -2.78
N LEU A 386 -34.26 2.79 -3.70
CA LEU A 386 -35.66 2.50 -3.43
C LEU A 386 -35.91 1.01 -3.61
N PRO A 387 -35.95 0.22 -2.54
CA PRO A 387 -36.19 -1.22 -2.69
C PRO A 387 -37.50 -1.48 -3.42
N THR A 388 -37.51 -2.53 -4.22
CA THR A 388 -38.71 -2.88 -4.98
C THR A 388 -38.85 -4.40 -5.09
N MET B 1 9.49 15.34 18.45
CA MET B 1 8.57 15.86 17.45
C MET B 1 7.75 17.00 18.04
N GLU B 2 8.12 17.44 19.23
CA GLU B 2 7.51 18.61 19.83
C GLU B 2 7.89 19.90 19.12
N ASN B 3 8.86 19.84 18.20
CA ASN B 3 9.35 21.02 17.50
C ASN B 3 8.46 21.42 16.32
N PHE B 4 7.72 20.49 15.74
CA PHE B 4 6.90 20.75 14.57
C PHE B 4 5.48 21.11 14.98
N GLN B 5 4.90 22.07 14.26
CA GLN B 5 3.53 22.51 14.49
C GLN B 5 2.73 22.30 13.21
N LYS B 6 1.67 21.50 13.30
CA LYS B 6 0.85 21.21 12.14
C LYS B 6 0.03 22.44 11.74
N VAL B 7 -0.22 22.57 10.44
CA VAL B 7 -0.90 23.75 9.92
C VAL B 7 -2.13 23.36 9.11
N GLU B 8 -2.12 22.15 8.55
CA GLU B 8 -3.18 21.76 7.63
C GLU B 8 -2.91 20.33 7.18
N LYS B 9 -3.95 19.69 6.68
CA LYS B 9 -3.83 18.36 6.09
C LYS B 9 -3.63 18.48 4.59
N ILE B 10 -2.69 17.69 4.06
CA ILE B 10 -2.38 17.76 2.64
C ILE B 10 -3.13 16.66 1.91
N GLY B 11 -3.02 15.43 2.40
CA GLY B 11 -3.67 14.31 1.77
C GLY B 11 -3.04 13.01 2.22
N GLU B 12 -3.47 11.92 1.60
CA GLU B 12 -2.98 10.59 1.93
C GLU B 12 -2.37 9.95 0.69
N GLY B 13 -1.17 9.42 0.83
CA GLY B 13 -0.51 8.76 -0.27
C GLY B 13 -0.68 7.26 -0.23
N THR B 14 0.37 6.51 -0.61
CA THR B 14 0.29 5.07 -0.56
C THR B 14 0.06 4.58 0.87
N TYR B 15 0.67 5.25 1.84
CA TYR B 15 0.48 4.91 3.24
C TYR B 15 0.67 6.16 4.09
N GLY B 16 0.12 6.13 5.28
CA GLY B 16 0.27 7.25 6.19
C GLY B 16 -0.59 8.43 5.76
N VAL B 17 -0.39 9.55 6.46
CA VAL B 17 -1.12 10.78 6.20
C VAL B 17 -0.14 11.95 6.19
N VAL B 18 -0.29 12.84 5.22
CA VAL B 18 0.64 13.94 5.00
C VAL B 18 0.04 15.23 5.54
N TYR B 19 0.82 15.95 6.35
CA TYR B 19 0.41 17.21 6.95
C TYR B 19 1.43 18.29 6.62
N LYS B 20 0.96 19.53 6.54
CA LYS B 20 1.86 20.67 6.48
C LYS B 20 2.20 21.13 7.89
N ALA B 21 3.50 21.22 8.17
CA ALA B 21 3.95 21.59 9.51
C ALA B 21 5.14 22.53 9.40
N ARG B 22 5.18 23.50 10.28
CA ARG B 22 6.24 24.50 10.30
C ARG B 22 7.19 24.22 11.45
N ASN B 23 8.49 24.17 11.15
CA ASN B 23 9.50 23.89 12.16
C ASN B 23 9.70 25.12 13.02
N LYS B 24 9.47 24.98 14.33
CA LYS B 24 9.51 26.14 15.22
C LYS B 24 10.91 26.71 15.38
N LEU B 25 11.95 25.94 15.06
CA LEU B 25 13.30 26.43 15.24
C LEU B 25 13.73 27.31 14.06
N THR B 26 13.78 26.73 12.86
CA THR B 26 14.19 27.49 11.68
C THR B 26 13.03 28.16 10.96
N GLY B 27 11.79 27.86 11.35
CA GLY B 27 10.65 28.48 10.69
C GLY B 27 10.55 28.18 9.22
N GLU B 28 10.82 26.94 8.82
CA GLU B 28 10.72 26.52 7.43
C GLU B 28 9.62 25.48 7.30
N VAL B 29 8.73 25.69 6.33
CA VAL B 29 7.62 24.77 6.13
C VAL B 29 8.14 23.42 5.68
N VAL B 30 7.52 22.36 6.16
CA VAL B 30 7.92 20.99 5.81
C VAL B 30 6.68 20.12 5.75
N ALA B 31 6.73 19.09 4.91
CA ALA B 31 5.71 18.07 4.91
C ALA B 31 6.04 16.99 5.93
N LEU B 32 5.00 16.38 6.48
CA LEU B 32 5.15 15.37 7.53
C LEU B 32 4.25 14.19 7.19
N LYS B 33 4.86 13.04 6.92
CA LYS B 33 4.09 11.82 6.68
C LYS B 33 4.06 11.00 7.96
N LYS B 34 2.87 10.73 8.45
CA LYS B 34 2.66 10.04 9.73
C LYS B 34 2.16 8.63 9.47
N ILE B 35 2.77 7.67 10.16
CA ILE B 35 2.39 6.26 10.09
C ILE B 35 2.08 5.82 11.52
N ARG B 36 0.87 5.34 11.74
CA ARG B 36 0.48 4.81 13.04
C ARG B 36 0.95 3.36 13.13
N LEU B 37 2.04 3.14 13.86
CA LEU B 37 2.62 1.80 13.96
C LEU B 37 1.69 0.83 14.67
N ASP B 38 0.92 1.32 15.65
CA ASP B 38 0.12 0.41 16.47
C ASP B 38 -0.93 -0.32 15.65
N THR B 39 -1.57 0.38 14.70
CA THR B 39 -2.54 -0.27 13.83
C THR B 39 -1.93 -1.30 12.90
N GLU B 40 -0.62 -1.27 12.72
CA GLU B 40 0.05 -2.13 11.74
C GLU B 40 0.40 -3.46 12.39
N THR B 41 -0.23 -4.53 11.91
CA THR B 41 0.01 -5.85 12.49
C THR B 41 1.46 -6.27 12.30
N GLU B 42 1.99 -6.08 11.10
CA GLU B 42 3.34 -6.54 10.76
C GLU B 42 4.34 -5.39 10.87
N GLY B 43 4.48 -4.87 12.08
CA GLY B 43 5.42 -3.79 12.36
C GLY B 43 5.40 -2.68 11.33
N VAL B 44 6.57 -2.14 11.03
CA VAL B 44 6.68 -1.08 10.03
C VAL B 44 6.32 -1.65 8.66
N PRO B 45 5.40 -1.04 7.92
CA PRO B 45 5.01 -1.60 6.62
C PRO B 45 6.19 -1.67 5.67
N SER B 46 6.15 -2.66 4.78
CA SER B 46 7.24 -2.85 3.83
C SER B 46 7.40 -1.62 2.94
N THR B 47 6.30 -0.99 2.57
CA THR B 47 6.39 0.21 1.74
C THR B 47 7.18 1.30 2.45
N ALA B 48 6.95 1.48 3.76
CA ALA B 48 7.68 2.50 4.50
C ALA B 48 9.18 2.21 4.51
N ILE B 49 9.55 0.96 4.76
CA ILE B 49 10.97 0.60 4.80
C ILE B 49 11.61 0.83 3.43
N ARG B 50 10.98 0.37 2.37
CA ARG B 50 11.54 0.55 1.06
C ARG B 50 11.75 2.01 0.75
N GLU B 51 10.76 2.86 0.93
CA GLU B 51 10.91 4.28 0.73
C GLU B 51 12.05 4.87 1.51
N ILE B 52 12.00 4.77 2.80
CA ILE B 52 13.02 5.36 3.62
C ILE B 52 14.40 4.87 3.23
N SER B 53 14.55 3.63 2.85
CA SER B 53 15.87 3.19 2.41
C SER B 53 16.24 3.78 1.06
N LEU B 54 15.30 3.82 0.12
CA LEU B 54 15.61 4.32 -1.21
C LEU B 54 15.80 5.83 -1.21
N LEU B 55 14.94 6.56 -0.48
CA LEU B 55 15.00 8.01 -0.51
C LEU B 55 16.23 8.54 0.20
N LYS B 56 16.93 7.72 0.97
CA LYS B 56 18.17 8.13 1.61
C LYS B 56 19.39 7.86 0.74
N GLU B 57 19.21 7.24 -0.42
CA GLU B 57 20.27 7.08 -1.41
C GLU B 57 20.06 7.92 -2.66
N LEU B 58 18.89 8.54 -2.81
CA LEU B 58 18.56 9.33 -3.98
C LEU B 58 18.51 10.79 -3.55
N ASN B 59 19.49 11.58 -3.99
CA ASN B 59 19.56 13.01 -3.71
C ASN B 59 19.67 13.73 -5.05
N HIS B 60 18.52 14.07 -5.62
CA HIS B 60 18.45 14.75 -6.90
C HIS B 60 17.59 16.00 -6.77
N PRO B 61 17.84 17.03 -7.58
CA PRO B 61 16.98 18.22 -7.57
C PRO B 61 15.55 17.96 -8.03
N ASN B 62 15.26 16.76 -8.54
CA ASN B 62 13.94 16.44 -9.06
C ASN B 62 13.29 15.29 -8.32
N ILE B 63 13.76 14.98 -7.11
CA ILE B 63 13.14 13.99 -6.25
C ILE B 63 12.94 14.62 -4.87
N VAL B 64 11.73 14.52 -4.33
CA VAL B 64 11.44 15.16 -3.05
C VAL B 64 12.38 14.63 -2.00
N LYS B 65 12.94 15.54 -1.20
CA LYS B 65 13.96 15.18 -0.21
C LYS B 65 13.31 14.57 1.02
N LEU B 66 13.99 13.59 1.60
CA LEU B 66 13.60 13.02 2.88
C LEU B 66 14.44 13.70 3.96
N LEU B 67 13.92 14.77 4.53
CA LEU B 67 14.71 15.57 5.46
C LEU B 67 15.06 14.78 6.71
N ASP B 68 14.11 14.02 7.25
CA ASP B 68 14.39 13.34 8.51
C ASP B 68 13.43 12.18 8.72
N VAL B 69 13.79 11.30 9.66
CA VAL B 69 12.92 10.23 10.13
C VAL B 69 12.92 10.28 11.65
N ILE B 70 11.72 10.28 12.23
CA ILE B 70 11.54 10.39 13.67
C ILE B 70 10.60 9.29 14.13
N HIS B 71 10.82 8.79 15.34
CA HIS B 71 9.99 7.73 15.92
C HIS B 71 9.58 8.16 17.32
N THR B 72 8.30 8.48 17.49
CA THR B 72 7.73 8.78 18.79
C THR B 72 6.64 7.76 19.07
N GLU B 73 6.61 7.22 20.28
CA GLU B 73 5.97 5.94 20.57
C GLU B 73 4.72 5.71 19.72
N ASN B 74 4.68 4.57 19.05
CA ASN B 74 3.55 4.13 18.23
C ASN B 74 3.33 5.01 17.01
N LYS B 75 4.35 5.72 16.54
CA LYS B 75 4.20 6.70 15.48
C LYS B 75 5.53 6.92 14.79
N LEU B 76 5.54 6.78 13.47
CA LEU B 76 6.72 7.04 12.64
C LEU B 76 6.44 8.24 11.76
N TYR B 77 7.31 9.24 11.84
CA TYR B 77 7.18 10.46 11.06
C TYR B 77 8.32 10.56 10.05
N LEU B 78 7.98 10.88 8.81
CA LEU B 78 8.95 11.19 7.78
C LEU B 78 8.82 12.67 7.44
N VAL B 79 9.90 13.42 7.61
CA VAL B 79 9.92 14.85 7.36
C VAL B 79 10.50 15.07 5.97
N PHE B 80 9.62 15.42 5.02
CA PHE B 80 9.99 15.72 3.65
C PHE B 80 10.19 17.22 3.49
N GLU B 81 10.38 17.66 2.24
CA GLU B 81 10.41 19.07 1.90
C GLU B 81 9.08 19.48 1.30
N PHE B 82 8.71 20.74 1.51
CA PHE B 82 7.38 21.22 1.17
C PHE B 82 7.32 21.68 -0.28
N LEU B 83 6.30 21.23 -1.00
CA LEU B 83 6.02 21.69 -2.35
C LEU B 83 4.57 22.15 -2.44
N HIS B 84 4.33 23.14 -3.30
CA HIS B 84 3.09 23.91 -3.26
C HIS B 84 1.93 23.26 -4.00
N GLN B 85 2.10 22.22 -4.79
CA GLN B 85 1.00 21.63 -5.48
C GLN B 85 1.32 20.30 -6.10
N ASP B 86 0.38 19.76 -6.87
CA ASP B 86 0.60 18.50 -7.55
C ASP B 86 0.19 18.73 -8.95
N LEU B 87 0.82 18.10 -9.91
CA LEU B 87 0.53 18.38 -11.31
C LEU B 87 -0.93 18.26 -11.65
N LYS B 88 -1.59 17.33 -11.04
CA LYS B 88 -3.02 17.14 -11.29
C LYS B 88 -3.83 18.41 -11.00
N LYS B 89 -3.64 18.98 -9.82
CA LYS B 89 -4.38 20.19 -9.48
C LYS B 89 -4.01 21.33 -10.41
N PHE B 90 -2.74 21.42 -10.80
CA PHE B 90 -2.31 22.44 -11.74
C PHE B 90 -3.00 22.25 -13.08
N MET B 91 -3.06 21.01 -13.58
CA MET B 91 -3.71 20.76 -14.86
C MET B 91 -5.19 21.11 -14.81
N ASP B 92 -5.86 20.75 -13.71
CA ASP B 92 -7.27 21.13 -13.57
C ASP B 92 -7.43 22.64 -13.50
N ALA B 93 -6.58 23.33 -12.75
CA ALA B 93 -6.65 24.78 -12.66
C ALA B 93 -6.32 25.46 -13.98
N SER B 94 -5.66 24.75 -14.90
CA SER B 94 -5.36 25.27 -16.23
C SER B 94 -6.01 24.42 -17.31
N ALA B 95 -7.27 24.05 -17.10
CA ALA B 95 -7.98 23.15 -18.00
C ALA B 95 -8.77 23.90 -19.06
N LEU B 96 -8.68 25.22 -19.09
CA LEU B 96 -9.35 26.03 -20.10
C LEU B 96 -8.40 26.52 -21.19
N THR B 97 -7.27 27.12 -20.80
CA THR B 97 -6.28 27.58 -21.76
C THR B 97 -5.17 26.55 -22.00
N GLY B 98 -4.85 25.74 -21.01
CA GLY B 98 -3.85 24.71 -21.16
C GLY B 98 -2.46 25.19 -20.73
N ILE B 99 -1.63 24.25 -20.33
CA ILE B 99 -0.26 24.57 -19.93
C ILE B 99 0.51 25.03 -21.17
N PRO B 100 1.20 26.17 -21.12
CA PRO B 100 1.98 26.59 -22.29
C PRO B 100 3.02 25.55 -22.67
N LEU B 101 3.32 25.48 -23.96
CA LEU B 101 4.24 24.45 -24.44
C LEU B 101 5.60 24.51 -23.76
N PRO B 102 6.23 25.67 -23.59
CA PRO B 102 7.53 25.67 -22.89
C PRO B 102 7.45 25.08 -21.49
N LEU B 103 6.36 25.32 -20.77
CA LEU B 103 6.22 24.72 -19.44
C LEU B 103 6.08 23.22 -19.52
N ILE B 104 5.33 22.71 -20.50
CA ILE B 104 5.22 21.27 -20.68
C ILE B 104 6.57 20.67 -20.99
N LYS B 105 7.34 21.31 -21.88
CA LYS B 105 8.67 20.82 -22.23
C LYS B 105 9.58 20.80 -21.00
N SER B 106 9.55 21.87 -20.20
CA SER B 106 10.39 21.92 -19.01
C SER B 106 9.99 20.85 -18.01
N TYR B 107 8.69 20.65 -17.81
CA TYR B 107 8.23 19.63 -16.89
C TYR B 107 8.59 18.22 -17.36
N LEU B 108 8.56 17.98 -18.68
CA LEU B 108 9.04 16.70 -19.19
C LEU B 108 10.56 16.61 -19.12
N PHE B 109 11.25 17.71 -19.39
CA PHE B 109 12.70 17.73 -19.18
C PHE B 109 13.03 18.15 -17.75
N GLN B 110 12.29 17.61 -16.80
CA GLN B 110 12.69 17.55 -15.40
C GLN B 110 12.27 16.27 -14.71
N LEU B 111 11.32 15.53 -15.28
CA LEU B 111 10.97 14.20 -14.82
C LEU B 111 11.86 13.16 -15.45
N LEU B 112 12.32 13.40 -16.68
CA LEU B 112 13.24 12.48 -17.32
C LEU B 112 14.58 12.47 -16.61
N GLN B 113 15.04 13.62 -16.13
CA GLN B 113 16.31 13.66 -15.40
C GLN B 113 16.21 12.87 -14.09
N GLY B 114 15.17 13.12 -13.30
CA GLY B 114 15.00 12.37 -12.07
C GLY B 114 14.81 10.89 -12.32
N LEU B 115 14.07 10.54 -13.37
CA LEU B 115 13.87 9.14 -13.71
C LEU B 115 15.18 8.47 -14.12
N ALA B 116 16.01 9.19 -14.89
CA ALA B 116 17.31 8.64 -15.27
C ALA B 116 18.20 8.47 -14.05
N PHE B 117 18.14 9.43 -13.12
CA PHE B 117 18.90 9.29 -11.88
C PHE B 117 18.46 8.07 -11.09
N CYS B 118 17.15 7.85 -10.98
CA CYS B 118 16.65 6.68 -10.29
C CYS B 118 17.08 5.40 -10.99
N HIS B 119 16.99 5.37 -12.32
CA HIS B 119 17.30 4.16 -13.07
C HIS B 119 18.79 3.82 -13.00
N SER B 120 19.64 4.83 -13.03
CA SER B 120 21.07 4.60 -12.84
C SER B 120 21.37 4.02 -11.46
N HIS B 121 20.53 4.33 -10.48
CA HIS B 121 20.63 3.71 -9.16
C HIS B 121 19.87 2.39 -9.08
N ARG B 122 19.26 1.96 -10.18
CA ARG B 122 18.55 0.69 -10.23
C ARG B 122 17.33 0.74 -9.30
N VAL B 123 16.50 1.76 -9.49
CA VAL B 123 15.28 1.95 -8.71
C VAL B 123 14.12 2.12 -9.68
N LEU B 124 13.02 1.43 -9.40
CA LEU B 124 11.81 1.48 -10.23
C LEU B 124 10.73 2.20 -9.45
N HIS B 125 10.31 3.37 -9.94
CA HIS B 125 9.30 4.14 -9.23
C HIS B 125 7.96 3.43 -9.25
N ARG B 126 7.50 3.02 -10.43
CA ARG B 126 6.32 2.18 -10.62
C ARG B 126 5.03 2.84 -10.16
N ASP B 127 5.04 4.11 -9.77
CA ASP B 127 3.82 4.81 -9.37
C ASP B 127 3.81 6.23 -9.92
N LEU B 128 4.16 6.38 -11.20
CA LEU B 128 4.21 7.70 -11.84
C LEU B 128 2.81 8.09 -12.26
N LYS B 129 2.14 8.87 -11.44
CA LYS B 129 0.84 9.44 -11.73
C LYS B 129 0.83 10.92 -11.38
N PRO B 130 -0.08 11.70 -11.97
CA PRO B 130 -0.01 13.16 -11.78
C PRO B 130 -0.07 13.59 -10.33
N GLN B 131 -0.74 12.85 -9.47
CA GLN B 131 -0.81 13.20 -8.06
C GLN B 131 0.51 12.99 -7.32
N ASN B 132 1.49 12.35 -7.96
CA ASN B 132 2.78 12.09 -7.34
C ASN B 132 3.91 12.96 -7.87
N LEU B 133 3.62 13.85 -8.83
CA LEU B 133 4.59 14.80 -9.34
C LEU B 133 4.23 16.17 -8.76
N LEU B 134 5.08 16.66 -7.85
CA LEU B 134 4.79 17.89 -7.13
C LEU B 134 5.52 19.06 -7.76
N ILE B 135 4.84 20.20 -7.86
CA ILE B 135 5.38 21.39 -8.47
C ILE B 135 5.36 22.53 -7.46
N ASN B 136 6.40 23.35 -7.48
CA ASN B 136 6.50 24.53 -6.64
C ASN B 136 6.41 25.78 -7.50
N THR B 137 6.37 26.94 -6.84
CA THR B 137 6.18 28.21 -7.52
C THR B 137 7.42 28.68 -8.25
N GLU B 138 8.57 28.06 -8.03
CA GLU B 138 9.80 28.43 -8.72
C GLU B 138 9.93 27.77 -10.09
N GLY B 139 9.03 26.86 -10.44
CA GLY B 139 9.08 26.20 -11.73
C GLY B 139 9.73 24.83 -11.74
N ALA B 140 9.82 24.16 -10.61
CA ALA B 140 10.45 22.85 -10.52
C ALA B 140 9.42 21.76 -10.24
N ILE B 141 9.59 20.63 -10.91
CA ILE B 141 8.73 19.46 -10.75
C ILE B 141 9.57 18.32 -10.19
N LYS B 142 9.03 17.63 -9.20
CA LYS B 142 9.78 16.63 -8.46
C LYS B 142 8.93 15.38 -8.27
N LEU B 143 9.60 14.22 -8.30
CA LEU B 143 8.93 12.95 -8.05
C LEU B 143 8.68 12.76 -6.57
N ALA B 144 7.63 12.02 -6.24
CA ALA B 144 7.26 11.79 -4.85
C ALA B 144 6.55 10.44 -4.73
N ASP B 145 6.30 10.04 -3.48
CA ASP B 145 5.61 8.79 -3.18
C ASP B 145 6.37 7.59 -3.73
N PHE B 146 7.57 7.37 -3.20
CA PHE B 146 8.36 6.20 -3.53
C PHE B 146 7.97 4.98 -2.73
N GLY B 147 6.78 4.97 -2.12
CA GLY B 147 6.36 3.83 -1.35
C GLY B 147 6.19 2.57 -2.18
N LEU B 148 5.78 2.73 -3.44
CA LEU B 148 5.62 1.61 -4.35
C LEU B 148 6.87 1.36 -5.18
N ALA B 149 7.95 2.09 -4.94
CA ALA B 149 9.17 1.90 -5.70
C ALA B 149 9.86 0.60 -5.28
N ARG B 150 10.80 0.16 -6.12
CA ARG B 150 11.54 -1.06 -5.86
C ARG B 150 12.90 -0.97 -6.52
N ALA B 151 13.92 -1.47 -5.83
CA ALA B 151 15.27 -1.52 -6.36
C ALA B 151 15.44 -2.84 -7.10
N PHE B 152 15.64 -2.76 -8.41
CA PHE B 152 15.75 -3.94 -9.26
C PHE B 152 17.21 -4.34 -9.41
N GLY B 153 17.49 -5.61 -9.21
CA GLY B 153 18.84 -6.11 -9.31
C GLY B 153 19.26 -6.37 -10.75
N VAL B 154 20.54 -6.65 -10.92
CA VAL B 154 21.14 -6.98 -12.21
C VAL B 154 21.63 -8.42 -12.13
N PRO B 155 20.93 -9.38 -12.74
CA PRO B 155 19.73 -9.25 -13.57
C PRO B 155 18.46 -9.12 -12.74
N VAL B 156 17.35 -8.74 -13.38
CA VAL B 156 16.07 -8.60 -12.70
C VAL B 156 15.45 -9.98 -12.54
N ARG B 157 14.41 -10.08 -11.71
CA ARG B 157 13.64 -11.30 -11.54
C ARG B 157 12.17 -10.92 -11.52
N THR B 158 11.31 -11.88 -11.20
CA THR B 158 9.88 -11.64 -11.21
C THR B 158 9.50 -10.81 -9.99
N TYR B 159 8.96 -9.62 -10.22
CA TYR B 159 8.54 -8.75 -9.14
C TYR B 159 7.02 -8.72 -9.05
N HIS B 161 3.37 -8.36 -9.58
CA HIS B 161 2.66 -8.28 -10.86
C HIS B 161 1.94 -6.96 -11.06
N GLU B 162 0.67 -6.90 -10.65
CA GLU B 162 -0.16 -5.72 -10.87
C GLU B 162 0.44 -4.54 -10.11
N VAL B 163 1.02 -3.60 -10.84
CA VAL B 163 1.64 -2.42 -10.27
C VAL B 163 1.23 -1.21 -11.09
N VAL B 164 1.38 -0.03 -10.48
CA VAL B 164 1.03 1.24 -11.14
C VAL B 164 -0.48 1.36 -11.21
N THR B 165 -0.99 2.60 -11.13
CA THR B 165 -2.40 2.82 -11.31
C THR B 165 -2.83 2.37 -12.70
N LEU B 166 -4.09 1.95 -12.80
CA LEU B 166 -4.57 1.34 -14.04
C LEU B 166 -4.41 2.28 -15.22
N TRP B 167 -4.73 3.56 -15.03
CA TRP B 167 -4.68 4.51 -16.14
C TRP B 167 -3.28 4.65 -16.73
N TYR B 168 -2.24 4.34 -15.97
CA TYR B 168 -0.86 4.53 -16.39
C TYR B 168 -0.09 3.21 -16.31
N ARG B 169 -0.68 2.13 -16.79
CA ARG B 169 -0.07 0.81 -16.77
C ARG B 169 0.41 0.44 -18.17
N ALA B 170 1.63 -0.07 -18.25
CA ALA B 170 2.19 -0.45 -19.55
C ALA B 170 1.53 -1.73 -20.05
N PRO B 171 1.45 -1.90 -21.37
CA PRO B 171 0.80 -3.11 -21.92
C PRO B 171 1.46 -4.41 -21.47
N GLU B 172 2.78 -4.42 -21.33
CA GLU B 172 3.46 -5.64 -20.89
C GLU B 172 3.02 -6.04 -19.49
N ILE B 173 2.84 -5.05 -18.61
CA ILE B 173 2.31 -5.34 -17.27
C ILE B 173 0.89 -5.88 -17.38
N LEU B 174 0.08 -5.28 -18.24
CA LEU B 174 -1.29 -5.74 -18.41
C LEU B 174 -1.34 -7.18 -18.89
N LEU B 175 -0.50 -7.52 -19.87
CA LEU B 175 -0.51 -8.85 -20.47
C LEU B 175 0.26 -9.88 -19.65
N GLY B 176 0.56 -9.57 -18.39
CA GLY B 176 1.20 -10.56 -17.53
C GLY B 176 2.60 -10.95 -17.95
N CYS B 177 3.41 -9.99 -18.37
CA CYS B 177 4.80 -10.29 -18.70
C CYS B 177 5.53 -10.79 -17.47
N LYS B 178 6.44 -11.75 -17.68
CA LYS B 178 7.16 -12.34 -16.56
C LYS B 178 8.15 -11.35 -15.96
N TYR B 179 8.96 -10.71 -16.79
CA TYR B 179 9.94 -9.74 -16.33
C TYR B 179 9.59 -8.35 -16.87
N TYR B 180 9.55 -7.37 -15.97
CA TYR B 180 9.42 -5.98 -16.34
C TYR B 180 10.58 -5.18 -15.76
N SER B 181 10.85 -4.03 -16.36
CA SER B 181 12.04 -3.27 -16.01
C SER B 181 11.74 -1.78 -16.17
N THR B 182 12.79 -0.98 -16.24
CA THR B 182 12.65 0.47 -16.29
C THR B 182 11.60 0.93 -17.30
N ALA B 183 11.40 0.17 -18.38
CA ALA B 183 10.56 0.63 -19.47
C ALA B 183 9.19 1.06 -18.97
N VAL B 184 8.66 0.38 -17.96
CA VAL B 184 7.32 0.71 -17.48
C VAL B 184 7.24 2.18 -17.10
N ASP B 185 8.22 2.67 -16.33
CA ASP B 185 8.19 4.06 -15.94
C ASP B 185 8.07 4.97 -17.15
N ILE B 186 8.83 4.69 -18.20
CA ILE B 186 8.79 5.53 -19.39
C ILE B 186 7.37 5.61 -19.93
N TRP B 187 6.71 4.45 -20.02
CA TRP B 187 5.33 4.44 -20.48
C TRP B 187 4.50 5.42 -19.66
N SER B 188 4.60 5.33 -18.34
CA SER B 188 3.87 6.26 -17.48
C SER B 188 4.12 7.70 -17.90
N LEU B 189 5.39 8.06 -18.06
CA LEU B 189 5.71 9.44 -18.43
C LEU B 189 5.03 9.82 -19.74
N GLY B 190 5.06 8.92 -20.73
CA GLY B 190 4.35 9.20 -21.96
C GLY B 190 2.88 9.47 -21.71
N CYS B 191 2.25 8.61 -20.92
CA CYS B 191 0.85 8.82 -20.57
C CYS B 191 0.67 10.18 -19.90
N ILE B 192 1.63 10.59 -19.07
CA ILE B 192 1.55 11.90 -18.45
C ILE B 192 1.77 12.99 -19.48
N PHE B 193 2.74 12.79 -20.38
CA PHE B 193 3.04 13.82 -21.37
C PHE B 193 1.82 14.13 -22.20
N ALA B 194 1.20 13.10 -22.79
CA ALA B 194 -0.02 13.31 -23.57
C ALA B 194 -1.14 13.88 -22.74
N GLU B 195 -1.11 13.69 -21.42
CA GLU B 195 -2.12 14.30 -20.57
C GLU B 195 -1.91 15.81 -20.46
N MET B 196 -0.66 16.26 -20.37
CA MET B 196 -0.40 17.69 -20.27
C MET B 196 -0.77 18.41 -21.55
N VAL B 197 -0.46 17.81 -22.70
CA VAL B 197 -0.77 18.45 -23.98
C VAL B 197 -2.27 18.45 -24.22
N THR B 198 -2.93 17.32 -23.92
CA THR B 198 -4.36 17.19 -24.18
C THR B 198 -5.20 17.62 -22.99
N ARG B 199 -4.66 17.59 -21.78
CA ARG B 199 -5.30 18.00 -20.53
C ARG B 199 -6.24 16.94 -19.98
N ARG B 200 -6.40 15.80 -20.65
CA ARG B 200 -7.22 14.71 -20.13
C ARG B 200 -6.47 13.40 -20.29
N ALA B 201 -6.86 12.41 -19.49
CA ALA B 201 -6.17 11.14 -19.47
C ALA B 201 -6.17 10.50 -20.86
N LEU B 202 -5.04 9.90 -21.22
CA LEU B 202 -4.91 9.31 -22.55
C LEU B 202 -5.68 8.01 -22.67
N PHE B 203 -5.60 7.15 -21.66
CA PHE B 203 -6.24 5.83 -21.68
C PHE B 203 -7.06 5.66 -20.41
N PRO B 204 -8.26 6.24 -20.37
CA PRO B 204 -9.13 6.17 -19.18
C PRO B 204 -10.00 4.91 -19.16
N GLY B 205 -9.40 3.79 -18.77
CA GLY B 205 -10.13 2.54 -18.67
C GLY B 205 -10.48 2.22 -17.23
N ASP B 206 -11.66 1.61 -17.04
CA ASP B 206 -12.14 1.26 -15.71
C ASP B 206 -11.85 -0.19 -15.33
N SER B 207 -11.39 -1.01 -16.27
CA SER B 207 -11.04 -2.39 -15.98
C SER B 207 -9.83 -2.77 -16.82
N GLU B 208 -9.16 -3.85 -16.42
CA GLU B 208 -7.93 -4.25 -17.09
C GLU B 208 -8.14 -4.39 -18.58
N ILE B 209 -9.15 -5.16 -18.98
CA ILE B 209 -9.38 -5.39 -20.40
C ILE B 209 -9.78 -4.09 -21.09
N ASP B 210 -10.55 -3.23 -20.41
CA ASP B 210 -10.93 -1.97 -21.02
C ASP B 210 -9.73 -1.09 -21.28
N GLN B 211 -8.80 -1.02 -20.32
CA GLN B 211 -7.59 -0.24 -20.53
C GLN B 211 -6.76 -0.82 -21.67
N LEU B 212 -6.63 -2.15 -21.71
CA LEU B 212 -5.90 -2.78 -22.79
C LEU B 212 -6.54 -2.45 -24.13
N PHE B 213 -7.87 -2.46 -24.21
CA PHE B 213 -8.54 -2.23 -25.47
C PHE B 213 -8.43 -0.76 -25.89
N ARG B 214 -8.45 0.16 -24.93
CA ARG B 214 -8.21 1.56 -25.28
C ARG B 214 -6.80 1.76 -25.82
N ILE B 215 -5.81 1.11 -25.19
CA ILE B 215 -4.44 1.18 -25.70
C ILE B 215 -4.39 0.65 -27.12
N PHE B 216 -5.03 -0.50 -27.37
CA PHE B 216 -5.02 -1.08 -28.70
C PHE B 216 -5.70 -0.15 -29.71
N ARG B 217 -6.83 0.44 -29.33
CA ARG B 217 -7.53 1.34 -30.23
C ARG B 217 -6.66 2.53 -30.60
N THR B 218 -5.99 3.12 -29.62
CA THR B 218 -5.18 4.31 -29.89
C THR B 218 -3.94 3.96 -30.71
N LEU B 219 -3.27 2.88 -30.34
CA LEU B 219 -1.97 2.54 -30.92
C LEU B 219 -2.02 1.34 -31.86
N GLY B 220 -3.16 0.72 -32.03
CA GLY B 220 -3.24 -0.48 -32.85
C GLY B 220 -3.12 -1.74 -32.04
N THR B 221 -3.48 -2.87 -32.67
CA THR B 221 -3.36 -4.16 -32.00
C THR B 221 -2.01 -4.79 -32.31
N PRO B 222 -1.20 -5.10 -31.30
CA PRO B 222 0.18 -5.53 -31.55
C PRO B 222 0.23 -6.92 -32.15
N ASP B 223 1.09 -7.08 -33.15
CA ASP B 223 1.38 -8.37 -33.75
C ASP B 223 2.85 -8.68 -33.52
N GLU B 224 3.34 -9.75 -34.14
CA GLU B 224 4.71 -10.18 -33.90
C GLU B 224 5.74 -9.41 -34.72
N VAL B 225 5.29 -8.49 -35.58
CA VAL B 225 6.23 -7.63 -36.29
C VAL B 225 6.57 -6.36 -35.51
N VAL B 226 5.67 -5.90 -34.64
CA VAL B 226 5.90 -4.72 -33.83
C VAL B 226 6.30 -5.06 -32.41
N TRP B 227 5.78 -6.18 -31.89
CA TRP B 227 6.07 -6.63 -30.53
C TRP B 227 6.30 -8.13 -30.55
N PRO B 228 7.47 -8.58 -31.02
CA PRO B 228 7.78 -10.01 -30.97
C PRO B 228 7.54 -10.60 -29.59
N GLY B 229 6.69 -11.62 -29.51
CA GLY B 229 6.38 -12.28 -28.27
C GLY B 229 5.00 -12.00 -27.71
N VAL B 230 4.23 -11.12 -28.30
CA VAL B 230 2.95 -10.83 -27.74
C VAL B 230 2.15 -12.05 -27.90
N THR B 231 2.24 -12.67 -29.06
CA THR B 231 1.38 -13.79 -29.34
C THR B 231 1.87 -15.03 -28.61
N SER B 232 2.21 -14.88 -27.34
CA SER B 232 2.72 -15.98 -26.58
C SER B 232 2.65 -15.49 -25.18
N MET B 233 2.38 -14.23 -25.03
CA MET B 233 2.26 -13.62 -23.72
C MET B 233 1.13 -14.28 -22.93
N PRO B 234 1.27 -14.36 -21.62
CA PRO B 234 0.31 -15.16 -20.83
C PRO B 234 -1.14 -14.73 -21.00
N ASP B 235 -1.41 -13.43 -21.09
CA ASP B 235 -2.78 -12.92 -21.08
C ASP B 235 -3.26 -12.50 -22.47
N TYR B 236 -2.55 -12.92 -23.52
CA TYR B 236 -2.90 -12.57 -24.87
C TYR B 236 -3.89 -13.58 -25.43
N LYS B 237 -5.03 -13.08 -25.92
CA LYS B 237 -6.04 -13.93 -26.54
C LYS B 237 -6.17 -13.57 -28.01
N PRO B 238 -6.23 -14.57 -28.91
CA PRO B 238 -6.33 -14.26 -30.34
C PRO B 238 -7.61 -13.56 -30.74
N SER B 239 -8.60 -13.49 -29.84
CA SER B 239 -9.87 -12.86 -30.16
C SER B 239 -9.83 -11.34 -30.08
N PHE B 240 -8.67 -10.76 -29.82
CA PHE B 240 -8.56 -9.31 -29.72
C PHE B 240 -8.94 -8.68 -31.06
N PRO B 241 -9.73 -7.61 -31.06
CA PRO B 241 -10.09 -6.94 -32.32
C PRO B 241 -8.87 -6.33 -32.99
N LYS B 242 -9.00 -6.13 -34.30
CA LYS B 242 -7.93 -5.54 -35.10
C LYS B 242 -8.20 -4.06 -35.32
N TRP B 243 -7.34 -3.22 -34.77
CA TRP B 243 -7.44 -1.77 -34.90
C TRP B 243 -6.15 -1.28 -35.56
N ALA B 244 -6.14 -0.02 -36.01
CA ALA B 244 -5.02 0.43 -36.83
C ALA B 244 -4.56 1.82 -36.39
N ARG B 245 -3.69 1.86 -35.39
CA ARG B 245 -2.71 2.94 -35.22
C ARG B 245 -3.22 4.33 -35.56
N GLN B 246 -4.19 4.83 -34.80
CA GLN B 246 -4.64 6.21 -34.97
C GLN B 246 -3.46 7.16 -35.12
N ASP B 247 -3.53 8.03 -36.11
CA ASP B 247 -2.46 8.99 -36.35
C ASP B 247 -2.27 9.89 -35.13
N PHE B 248 -1.00 10.19 -34.82
CA PHE B 248 -0.70 11.03 -33.66
C PHE B 248 -1.09 12.49 -33.88
N SER B 249 -1.32 12.92 -35.12
CA SER B 249 -1.82 14.26 -35.36
C SER B 249 -3.26 14.43 -34.90
N LYS B 250 -3.94 13.33 -34.55
CA LYS B 250 -5.27 13.38 -33.98
C LYS B 250 -5.30 12.98 -32.50
N VAL B 251 -4.25 12.34 -32.00
CA VAL B 251 -4.20 11.93 -30.60
C VAL B 251 -3.75 13.09 -29.70
N VAL B 252 -2.72 13.81 -30.11
CA VAL B 252 -2.27 15.02 -29.42
C VAL B 252 -2.13 16.13 -30.46
N PRO B 253 -3.22 16.81 -30.80
CA PRO B 253 -3.19 17.76 -31.93
C PRO B 253 -2.15 18.85 -31.76
N PRO B 254 -1.97 19.39 -30.55
CA PRO B 254 -1.13 20.58 -30.38
C PRO B 254 0.36 20.34 -30.47
N LEU B 255 0.83 19.11 -30.50
CA LEU B 255 2.26 18.85 -30.46
C LEU B 255 2.85 18.92 -31.83
N ASP B 256 4.07 19.40 -31.91
CA ASP B 256 4.80 19.46 -33.15
C ASP B 256 5.25 18.15 -33.66
N GLU B 257 6.15 18.18 -34.60
CA GLU B 257 6.61 16.95 -35.23
C GLU B 257 7.80 16.32 -34.54
N ASP B 258 8.20 16.85 -33.41
CA ASP B 258 9.29 16.30 -32.67
C ASP B 258 8.72 15.87 -31.39
N GLY B 259 7.82 16.62 -30.83
CA GLY B 259 7.07 16.12 -29.69
C GLY B 259 6.30 14.86 -30.02
N ARG B 260 5.73 14.81 -31.23
CA ARG B 260 5.03 13.60 -31.66
C ARG B 260 5.98 12.41 -31.71
N SER B 261 7.18 12.61 -32.26
CA SER B 261 8.15 11.53 -32.32
C SER B 261 8.56 11.07 -30.93
N LEU B 262 8.82 12.02 -30.03
CA LEU B 262 9.20 11.66 -28.67
C LEU B 262 8.09 10.88 -27.98
N LEU B 263 6.84 11.30 -28.15
CA LEU B 263 5.72 10.58 -27.54
C LEU B 263 5.60 9.17 -28.13
N SER B 264 5.76 9.04 -29.44
CA SER B 264 5.67 7.72 -30.07
C SER B 264 6.74 6.79 -29.52
N GLN B 265 7.97 7.30 -29.38
CA GLN B 265 9.04 6.48 -28.81
C GLN B 265 8.77 6.15 -27.35
N MET B 266 8.19 7.09 -26.59
CA MET B 266 7.84 6.82 -25.21
C MET B 266 6.74 5.79 -25.09
N LEU B 267 5.85 5.73 -26.09
CA LEU B 267 4.72 4.82 -26.09
C LEU B 267 4.93 3.62 -27.02
N HIS B 268 6.16 3.11 -27.08
CA HIS B 268 6.43 1.95 -27.92
C HIS B 268 5.94 0.68 -27.24
N TYR B 269 5.36 -0.22 -28.04
CA TYR B 269 4.87 -1.48 -27.49
C TYR B 269 6.01 -2.32 -26.93
N ASP B 270 7.04 -2.54 -27.72
CA ASP B 270 8.11 -3.44 -27.31
C ASP B 270 8.94 -2.79 -26.21
N PRO B 271 8.99 -3.36 -25.01
CA PRO B 271 9.77 -2.72 -23.94
C PRO B 271 11.23 -2.59 -24.27
N ASN B 272 11.81 -3.53 -25.02
CA ASN B 272 13.21 -3.42 -25.41
C ASN B 272 13.44 -2.21 -26.30
N LYS B 273 12.55 -1.97 -27.26
CA LYS B 273 12.69 -0.85 -28.18
C LYS B 273 12.21 0.47 -27.61
N ARG B 274 11.47 0.46 -26.50
CA ARG B 274 10.96 1.69 -25.94
C ARG B 274 12.11 2.59 -25.50
N ILE B 275 11.99 3.88 -25.80
CA ILE B 275 13.07 4.82 -25.52
C ILE B 275 13.33 4.87 -24.02
N SER B 276 14.59 5.02 -23.65
CA SER B 276 15.02 5.10 -22.27
C SER B 276 14.99 6.56 -21.80
N ALA B 277 15.08 6.73 -20.48
CA ALA B 277 15.04 8.08 -19.92
C ALA B 277 16.19 8.93 -20.41
N LYS B 278 17.41 8.39 -20.43
CA LYS B 278 18.57 9.15 -20.89
C LYS B 278 18.58 9.32 -22.40
N ALA B 279 18.06 8.33 -23.13
CA ALA B 279 17.97 8.46 -24.58
C ALA B 279 16.92 9.47 -25.02
N ALA B 280 15.99 9.82 -24.13
CA ALA B 280 15.00 10.85 -24.45
C ALA B 280 15.52 12.25 -24.14
N LEU B 281 16.42 12.39 -23.16
CA LEU B 281 16.98 13.70 -22.85
C LEU B 281 17.88 14.24 -23.96
N ALA B 282 18.32 13.38 -24.86
CA ALA B 282 19.07 13.81 -26.03
C ALA B 282 18.19 14.06 -27.24
N HIS B 283 16.87 13.93 -27.09
CA HIS B 283 15.96 14.15 -28.20
C HIS B 283 15.99 15.62 -28.62
N PRO B 284 15.81 15.89 -29.92
CA PRO B 284 15.76 17.29 -30.35
C PRO B 284 14.65 18.09 -29.68
N PHE B 285 13.57 17.43 -29.28
CA PHE B 285 12.47 18.13 -28.62
C PHE B 285 12.96 18.96 -27.45
N PHE B 286 13.94 18.44 -26.72
CA PHE B 286 14.56 19.18 -25.62
C PHE B 286 15.80 19.93 -26.09
N GLN B 287 15.67 20.73 -27.15
CA GLN B 287 16.78 21.51 -27.65
C GLN B 287 16.73 22.97 -27.23
N ASP B 288 15.53 23.54 -27.08
CA ASP B 288 15.35 24.91 -26.64
C ASP B 288 14.61 24.95 -25.30
N VAL B 289 14.94 24.01 -24.41
CA VAL B 289 14.23 23.92 -23.15
C VAL B 289 14.58 25.11 -22.26
N THR B 290 13.63 25.49 -21.42
CA THR B 290 13.81 26.61 -20.50
C THR B 290 13.24 26.19 -19.15
N LYS B 291 13.14 27.16 -18.23
CA LYS B 291 12.59 26.92 -16.89
C LYS B 291 11.59 28.03 -16.56
N PRO B 292 10.47 28.08 -17.27
CA PRO B 292 9.46 29.09 -16.94
C PRO B 292 8.83 28.82 -15.58
N VAL B 293 8.39 29.90 -14.95
CA VAL B 293 7.79 29.84 -13.61
C VAL B 293 6.28 29.79 -13.78
N PRO B 294 5.60 28.76 -13.31
CA PRO B 294 4.14 28.74 -13.36
C PRO B 294 3.55 29.76 -12.42
N HIS B 295 2.33 30.18 -12.74
CA HIS B 295 1.57 31.09 -11.89
C HIS B 295 0.54 30.24 -11.14
N LEU B 296 0.95 29.71 -10.02
CA LEU B 296 0.07 28.79 -9.33
C LEU B 296 -1.04 29.58 -8.68
N ARG B 297 -2.22 28.99 -8.59
CA ARG B 297 -3.24 29.44 -7.68
C ARG B 297 -3.06 28.75 -6.35
N LEU B 298 -2.23 29.32 -5.49
CA LEU B 298 -1.96 28.76 -4.17
C LEU B 298 -1.23 27.43 -4.24
N SER C 8 43.12 -1.80 -11.91
CA SER C 8 41.89 -1.29 -11.30
C SER C 8 40.67 -1.95 -11.90
N ARG C 9 39.52 -1.75 -11.25
CA ARG C 9 38.25 -2.30 -11.71
C ARG C 9 37.78 -1.50 -12.91
N GLY C 10 38.12 -1.96 -14.10
CA GLY C 10 37.90 -1.10 -15.26
C GLY C 10 36.46 -0.90 -15.68
N SER C 11 35.86 -1.91 -16.30
CA SER C 11 34.48 -1.77 -16.75
C SER C 11 33.88 -3.10 -17.17
N PRO C 12 33.57 -4.01 -16.25
CA PRO C 12 32.98 -5.29 -16.67
C PRO C 12 31.65 -5.12 -17.39
N LEU C 13 30.86 -4.13 -17.01
CA LEU C 13 29.52 -4.00 -17.56
C LEU C 13 29.58 -3.72 -19.06
N PRO C 14 28.65 -4.27 -19.85
CA PRO C 14 28.56 -3.90 -21.26
C PRO C 14 27.85 -2.57 -21.44
N VAL C 15 27.59 -2.18 -22.69
CA VAL C 15 26.88 -0.94 -22.95
C VAL C 15 25.41 -1.12 -22.58
N LEU C 16 24.96 -0.38 -21.56
CA LEU C 16 23.58 -0.45 -21.10
C LEU C 16 22.73 0.58 -21.82
N SER C 17 21.54 0.16 -22.25
CA SER C 17 20.58 1.07 -22.85
C SER C 17 19.76 1.82 -21.81
N TRP C 18 19.31 1.13 -20.76
CA TRP C 18 18.46 1.75 -19.75
C TRP C 18 19.18 2.78 -18.91
N ALA C 19 20.51 2.87 -18.99
CA ALA C 19 21.27 3.84 -18.23
C ALA C 19 22.68 3.87 -18.81
N ASN C 20 23.52 4.71 -18.23
CA ASN C 20 24.91 4.86 -18.69
C ASN C 20 25.81 3.96 -17.85
N ARG C 21 26.65 3.17 -18.54
CA ARG C 21 27.44 2.16 -17.85
C ARG C 21 28.36 2.78 -16.81
N GLU C 22 28.99 3.90 -17.14
CA GLU C 22 29.94 4.51 -16.22
C GLU C 22 29.25 4.92 -14.92
N GLU C 23 28.10 5.57 -15.03
CA GLU C 23 27.40 6.02 -13.83
C GLU C 23 26.94 4.83 -12.99
N VAL C 24 26.40 3.79 -13.63
CA VAL C 24 25.94 2.62 -12.89
C VAL C 24 27.10 1.97 -12.14
N TRP C 25 28.22 1.78 -12.83
CA TRP C 25 29.36 1.13 -12.20
C TRP C 25 29.94 1.99 -11.07
N LYS C 26 29.98 3.31 -11.27
CA LYS C 26 30.46 4.19 -10.22
C LYS C 26 29.55 4.12 -8.99
N ILE C 27 28.24 4.08 -9.21
CA ILE C 27 27.31 4.01 -8.10
C ILE C 27 27.47 2.69 -7.36
N MET C 28 27.64 1.59 -8.09
CA MET C 28 27.86 0.30 -7.46
C MET C 28 29.12 0.31 -6.63
N LEU C 29 30.21 0.85 -7.18
CA LEU C 29 31.47 0.89 -6.44
C LEU C 29 31.38 1.77 -5.22
N ASN C 30 30.64 2.88 -5.31
CA ASN C 30 30.44 3.75 -4.15
C ASN C 30 29.59 3.07 -3.09
N LYS C 31 28.60 2.27 -3.50
CA LYS C 31 27.90 1.43 -2.53
C LYS C 31 28.86 0.49 -1.84
N GLU C 32 29.79 -0.10 -2.60
CA GLU C 32 30.79 -0.98 -2.00
C GLU C 32 31.62 -0.26 -0.96
N LYS C 33 31.68 1.08 -1.01
CA LYS C 33 32.52 1.84 -0.10
C LYS C 33 31.75 2.54 1.00
N THR C 34 30.43 2.66 0.87
CA THR C 34 29.64 3.36 1.88
C THR C 34 29.15 2.45 3.00
N TYR C 35 28.91 1.18 2.72
CA TYR C 35 28.51 0.21 3.73
C TYR C 35 29.76 -0.47 4.27
N LEU C 36 30.13 -0.13 5.49
CA LEU C 36 31.35 -0.65 6.10
C LEU C 36 31.08 -1.94 6.85
N ARG C 37 32.07 -2.83 6.83
CA ARG C 37 32.02 -4.08 7.58
C ARG C 37 33.30 -4.21 8.37
N ASP C 38 33.19 -4.75 9.58
CA ASP C 38 34.34 -4.95 10.46
C ASP C 38 34.38 -6.41 10.87
N GLN C 39 35.52 -7.06 10.60
CA GLN C 39 35.66 -8.46 11.00
C GLN C 39 35.82 -8.62 12.50
N HIS C 40 36.22 -7.57 13.20
CA HIS C 40 36.45 -7.63 14.64
C HIS C 40 35.26 -7.14 15.45
N PHE C 41 34.07 -7.09 14.83
CA PHE C 41 32.91 -6.61 15.57
C PHE C 41 32.52 -7.53 16.72
N LEU C 42 33.25 -8.62 16.93
CA LEU C 42 32.97 -9.53 18.03
C LEU C 42 33.82 -9.24 19.26
N GLU C 43 34.94 -8.54 19.11
CA GLU C 43 35.74 -8.15 20.25
C GLU C 43 35.00 -7.16 21.15
N GLN C 44 34.00 -6.45 20.61
CA GLN C 44 33.18 -5.58 21.43
C GLN C 44 32.32 -6.39 22.39
N HIS C 45 31.82 -7.54 21.95
CA HIS C 45 30.99 -8.41 22.78
C HIS C 45 31.84 -9.54 23.34
N PRO C 46 32.41 -9.37 24.54
CA PRO C 46 33.36 -10.37 25.04
C PRO C 46 32.75 -11.72 25.32
N LEU C 47 31.43 -11.83 25.47
CA LEU C 47 30.82 -13.12 25.77
C LEU C 47 30.68 -13.99 24.55
N LEU C 48 30.43 -13.39 23.38
CA LEU C 48 30.25 -14.18 22.17
C LEU C 48 31.59 -14.64 21.62
N GLN C 49 31.54 -15.64 20.74
CA GLN C 49 32.68 -16.15 20.02
C GLN C 49 32.27 -16.37 18.58
N PRO C 50 33.24 -16.46 17.66
CA PRO C 50 32.89 -16.62 16.25
C PRO C 50 31.95 -17.79 15.98
N LYS C 51 32.13 -18.91 16.68
CA LYS C 51 31.26 -20.06 16.47
C LYS C 51 29.80 -19.72 16.71
N MET C 52 29.52 -18.79 17.63
CA MET C 52 28.14 -18.41 17.89
C MET C 52 27.53 -17.66 16.72
N ARG C 53 28.34 -16.91 15.96
CA ARG C 53 27.82 -16.25 14.78
C ARG C 53 27.41 -17.27 13.72
N ALA C 54 28.31 -18.20 13.39
CA ALA C 54 28.00 -19.22 12.40
C ALA C 54 26.72 -19.95 12.76
N ILE C 55 26.63 -20.42 14.00
CA ILE C 55 25.46 -21.17 14.44
C ILE C 55 24.20 -20.37 14.18
N LEU C 56 24.25 -19.06 14.43
CA LEU C 56 23.08 -18.23 14.14
C LEU C 56 22.85 -18.15 12.64
N LEU C 57 23.88 -17.81 11.87
CA LEU C 57 23.69 -17.65 10.44
C LEU C 57 23.23 -18.95 9.80
N ASP C 58 23.86 -20.07 10.17
CA ASP C 58 23.38 -21.37 9.71
C ASP C 58 21.89 -21.51 9.99
N TRP C 59 21.48 -21.21 11.22
CA TRP C 59 20.06 -21.31 11.55
C TRP C 59 19.23 -20.46 10.61
N LEU C 60 19.67 -19.23 10.34
CA LEU C 60 18.91 -18.36 9.46
C LEU C 60 18.81 -18.92 8.05
N MET C 61 19.79 -19.69 7.60
CA MET C 61 19.64 -20.38 6.32
C MET C 61 18.49 -21.38 6.39
N GLU C 62 18.46 -22.17 7.46
CA GLU C 62 17.44 -23.21 7.59
C GLU C 62 16.05 -22.60 7.51
N VAL C 63 15.81 -21.55 8.28
CA VAL C 63 14.52 -20.86 8.20
C VAL C 63 14.24 -20.42 6.77
N CYS C 64 15.24 -19.84 6.10
CA CYS C 64 15.03 -19.39 4.73
C CYS C 64 14.62 -20.55 3.83
N GLU C 65 15.14 -21.75 4.10
CA GLU C 65 14.74 -22.91 3.32
C GLU C 65 13.30 -23.31 3.61
N VAL C 66 12.88 -23.20 4.87
CA VAL C 66 11.55 -23.67 5.26
C VAL C 66 10.48 -22.84 4.56
N TYR C 67 10.69 -21.53 4.47
CA TYR C 67 9.72 -20.63 3.87
C TYR C 67 10.10 -20.24 2.44
N LYS C 68 11.09 -20.90 1.86
CA LYS C 68 11.49 -20.65 0.47
C LYS C 68 11.82 -19.17 0.26
N LEU C 69 12.69 -18.64 1.10
CA LEU C 69 13.10 -17.25 1.00
C LEU C 69 14.31 -17.15 0.08
N HIS C 70 14.35 -16.08 -0.72
CA HIS C 70 15.42 -15.94 -1.70
C HIS C 70 16.77 -15.78 -1.00
N ARG C 71 17.83 -16.06 -1.75
CA ARG C 71 19.18 -15.89 -1.23
C ARG C 71 19.46 -14.44 -0.86
N GLU C 72 18.94 -13.51 -1.67
CA GLU C 72 19.12 -12.10 -1.39
C GLU C 72 18.58 -11.75 0.00
N THR C 73 17.46 -12.37 0.38
CA THR C 73 16.92 -12.12 1.72
C THR C 73 17.89 -12.57 2.80
N PHE C 74 18.47 -13.75 2.65
CA PHE C 74 19.40 -14.23 3.67
C PHE C 74 20.64 -13.35 3.74
N TYR C 75 21.16 -12.91 2.59
CA TYR C 75 22.37 -12.11 2.64
C TYR C 75 22.08 -10.68 3.11
N LEU C 76 20.88 -10.17 2.85
CA LEU C 76 20.47 -8.92 3.49
C LEU C 76 20.40 -9.08 4.99
N ALA C 77 19.87 -10.20 5.47
CA ALA C 77 19.83 -10.45 6.91
C ALA C 77 21.24 -10.53 7.48
N GLN C 78 22.15 -11.22 6.78
CA GLN C 78 23.52 -11.33 7.24
C GLN C 78 24.20 -9.97 7.31
N ASP C 79 24.00 -9.14 6.29
CA ASP C 79 24.58 -7.80 6.31
C ASP C 79 24.00 -6.96 7.45
N PHE C 80 22.68 -7.00 7.61
CA PHE C 80 22.06 -6.26 8.71
C PHE C 80 22.62 -6.71 10.05
N PHE C 81 22.78 -8.02 10.23
CA PHE C 81 23.32 -8.53 11.48
C PHE C 81 24.74 -8.04 11.72
N ASP C 82 25.62 -8.22 10.72
CA ASP C 82 27.02 -7.87 10.91
C ASP C 82 27.26 -6.37 10.92
N ARG C 83 26.29 -5.56 10.52
CA ARG C 83 26.43 -4.12 10.65
C ARG C 83 25.83 -3.61 11.95
N TYR C 84 24.66 -4.12 12.34
CA TYR C 84 24.06 -3.73 13.60
C TYR C 84 24.92 -4.15 14.78
N MET C 85 25.47 -5.37 14.73
CA MET C 85 26.26 -5.88 15.84
C MET C 85 27.59 -5.14 15.97
N ALA C 86 28.04 -4.47 14.92
CA ALA C 86 29.24 -3.66 15.01
C ALA C 86 29.00 -2.32 15.69
N THR C 87 27.74 -1.94 15.87
CA THR C 87 27.37 -0.68 16.51
C THR C 87 26.91 -0.88 17.95
N GLN C 88 27.13 -2.07 18.51
CA GLN C 88 26.67 -2.35 19.87
C GLN C 88 27.83 -2.69 20.79
N GLU C 89 27.52 -3.09 22.02
CA GLU C 89 28.54 -3.42 23.00
C GLU C 89 27.96 -4.39 24.01
N ASN C 90 28.74 -5.41 24.36
CA ASN C 90 28.38 -6.37 25.39
C ASN C 90 26.99 -6.96 25.15
N VAL C 91 26.88 -7.68 24.04
CA VAL C 91 25.66 -8.41 23.72
C VAL C 91 25.84 -9.85 24.19
N VAL C 92 24.83 -10.36 24.88
CA VAL C 92 24.85 -11.71 25.42
C VAL C 92 24.27 -12.66 24.40
N LYS C 93 24.74 -13.91 24.41
CA LYS C 93 24.33 -14.87 23.40
C LYS C 93 22.83 -15.11 23.39
N THR C 94 22.14 -14.84 24.50
CA THR C 94 20.71 -15.08 24.54
C THR C 94 19.96 -14.18 23.57
N LEU C 95 20.47 -12.99 23.30
CA LEU C 95 19.81 -12.05 22.40
C LEU C 95 20.16 -12.27 20.93
N LEU C 96 21.09 -13.17 20.63
CA LEU C 96 21.51 -13.36 19.24
C LEU C 96 20.35 -13.80 18.37
N GLN C 97 19.54 -14.75 18.85
CA GLN C 97 18.46 -15.27 18.03
C GLN C 97 17.44 -14.19 17.72
N LEU C 98 17.11 -13.35 18.70
CA LEU C 98 16.16 -12.27 18.45
C LEU C 98 16.69 -11.30 17.40
N ILE C 99 17.97 -10.92 17.51
CA ILE C 99 18.55 -10.00 16.54
C ILE C 99 18.51 -10.62 15.14
N GLY C 100 18.92 -11.89 15.03
CA GLY C 100 18.92 -12.54 13.73
C GLY C 100 17.54 -12.65 13.13
N ILE C 101 16.54 -13.03 13.94
CA ILE C 101 15.20 -13.19 13.42
C ILE C 101 14.62 -11.84 13.01
N SER C 102 14.90 -10.79 13.79
CA SER C 102 14.44 -9.46 13.39
C SER C 102 15.09 -9.01 12.10
N SER C 103 16.39 -9.29 11.95
CA SER C 103 17.07 -8.94 10.70
C SER C 103 16.46 -9.68 9.52
N LEU C 104 16.16 -10.97 9.70
CA LEU C 104 15.54 -11.72 8.62
C LEU C 104 14.15 -11.21 8.32
N PHE C 105 13.40 -10.81 9.35
CA PHE C 105 12.09 -10.21 9.13
C PHE C 105 12.19 -8.95 8.28
N ILE C 106 13.15 -8.08 8.64
CA ILE C 106 13.34 -6.85 7.87
C ILE C 106 13.71 -7.17 6.44
N ALA C 107 14.63 -8.12 6.24
CA ALA C 107 15.06 -8.47 4.89
C ALA C 107 13.90 -9.03 4.07
N ALA C 108 13.09 -9.91 4.68
CA ALA C 108 11.96 -10.48 3.97
C ALA C 108 10.96 -9.40 3.58
N LYS C 109 10.68 -8.46 4.49
CA LYS C 109 9.79 -7.37 4.14
C LYS C 109 10.37 -6.53 3.01
N LEU C 110 11.69 -6.32 3.03
CA LEU C 110 12.32 -5.49 2.02
C LEU C 110 12.30 -6.13 0.64
N GLU C 111 12.55 -7.44 0.55
CA GLU C 111 12.88 -8.09 -0.70
C GLU C 111 11.72 -8.85 -1.33
N GLU C 112 10.99 -9.62 -0.55
CA GLU C 112 10.09 -10.61 -1.11
C GLU C 112 8.71 -10.04 -1.40
N ILE C 113 8.02 -10.66 -2.36
CA ILE C 113 6.70 -10.20 -2.77
C ILE C 113 5.68 -10.44 -1.67
N TYR C 114 5.68 -11.65 -1.11
CA TYR C 114 4.74 -12.05 -0.06
C TYR C 114 5.55 -12.58 1.12
N PRO C 115 6.12 -11.69 1.92
CA PRO C 115 6.89 -12.13 3.08
C PRO C 115 6.01 -12.86 4.08
N PRO C 116 6.57 -13.82 4.81
CA PRO C 116 5.77 -14.50 5.84
C PRO C 116 5.28 -13.51 6.89
N LYS C 117 4.11 -13.81 7.44
CA LYS C 117 3.54 -12.95 8.48
C LYS C 117 4.38 -13.02 9.75
N LEU C 118 4.18 -12.04 10.62
CA LEU C 118 5.01 -11.94 11.82
C LEU C 118 4.84 -13.17 12.72
N HIS C 119 3.63 -13.71 12.79
CA HIS C 119 3.41 -14.86 13.65
C HIS C 119 4.21 -16.06 13.17
N GLN C 120 4.40 -16.20 11.86
CA GLN C 120 5.22 -17.29 11.35
C GLN C 120 6.67 -17.13 11.81
N PHE C 121 7.21 -15.91 11.75
CA PHE C 121 8.57 -15.69 12.22
C PHE C 121 8.67 -15.96 13.72
N ALA C 122 7.66 -15.57 14.49
CA ALA C 122 7.67 -15.86 15.92
C ALA C 122 7.62 -17.37 16.17
N TYR C 123 6.85 -18.11 15.39
CA TYR C 123 6.71 -19.54 15.62
C TYR C 123 8.02 -20.27 15.43
N VAL C 124 8.79 -19.91 14.44
CA VAL C 124 10.01 -20.65 14.17
C VAL C 124 11.02 -20.45 15.24
N THR C 125 10.73 -19.59 16.19
CA THR C 125 11.73 -19.32 17.17
C THR C 125 11.47 -20.23 18.31
N ASP C 126 10.37 -20.96 18.26
CA ASP C 126 10.01 -21.93 19.30
C ASP C 126 9.71 -21.23 20.63
N GLY C 127 9.08 -20.07 20.56
CA GLY C 127 8.66 -19.35 21.75
C GLY C 127 9.71 -18.52 22.42
N ALA C 128 10.99 -18.66 22.04
CA ALA C 128 12.03 -17.84 22.64
C ALA C 128 11.89 -16.37 22.29
N CYS C 129 11.23 -16.06 21.17
CA CYS C 129 10.96 -14.69 20.78
C CYS C 129 9.50 -14.59 20.35
N SER C 130 8.87 -13.47 20.70
CA SER C 130 7.46 -13.24 20.42
C SER C 130 7.32 -12.17 19.35
N GLY C 131 6.08 -12.00 18.87
CA GLY C 131 5.83 -10.99 17.86
C GLY C 131 6.20 -9.60 18.31
N ASP C 132 5.88 -9.25 19.56
CA ASP C 132 6.18 -7.91 20.05
C ASP C 132 7.66 -7.68 20.23
N GLU C 133 8.41 -8.70 20.64
CA GLU C 133 9.86 -8.56 20.73
C GLU C 133 10.47 -8.29 19.35
N ILE C 134 9.99 -9.02 18.34
CA ILE C 134 10.52 -8.83 17.00
C ILE C 134 10.21 -7.44 16.49
N LEU C 135 9.00 -6.94 16.76
CA LEU C 135 8.64 -5.61 16.30
C LEU C 135 9.54 -4.54 16.93
N THR C 136 9.86 -4.70 18.21
CA THR C 136 10.77 -3.77 18.87
C THR C 136 12.17 -3.86 18.29
N MET C 137 12.70 -5.08 18.14
CA MET C 137 14.07 -5.23 17.68
C MET C 137 14.23 -4.78 16.23
N GLU C 138 13.19 -4.93 15.41
CA GLU C 138 13.29 -4.47 14.03
C GLU C 138 13.46 -2.95 13.97
N LEU C 139 12.69 -2.22 14.77
CA LEU C 139 12.86 -0.77 14.84
C LEU C 139 14.22 -0.41 15.40
N MET C 140 14.68 -1.15 16.43
CA MET C 140 16.00 -0.88 16.98
C MET C 140 17.09 -1.06 15.92
N ILE C 141 16.99 -2.11 15.12
CA ILE C 141 17.99 -2.36 14.08
C ILE C 141 17.92 -1.27 13.02
N MET C 142 16.71 -0.96 12.54
CA MET C 142 16.57 0.05 11.49
C MET C 142 17.04 1.42 11.97
N LYS C 143 17.02 1.66 13.28
CA LYS C 143 17.54 2.91 13.80
C LYS C 143 19.06 2.88 13.95
N ALA C 144 19.61 1.78 14.46
CA ALA C 144 21.06 1.68 14.64
C ALA C 144 21.78 1.69 13.31
N LEU C 145 21.14 1.18 12.27
CA LEU C 145 21.74 1.19 10.92
C LEU C 145 21.50 2.52 10.21
N LYS C 146 20.79 3.45 10.82
CA LYS C 146 20.51 4.75 10.23
C LYS C 146 19.69 4.62 8.95
N TRP C 147 18.88 3.57 8.88
CA TRP C 147 17.97 3.34 7.76
C TRP C 147 18.70 3.09 6.45
N ARG C 148 19.96 2.64 6.52
CA ARG C 148 20.72 2.28 5.32
C ARG C 148 20.58 0.77 5.12
N LEU C 149 19.46 0.37 4.53
CA LEU C 149 19.08 -1.02 4.39
C LEU C 149 19.01 -1.44 2.93
N SER C 150 20.00 -1.03 2.12
CA SER C 150 20.04 -1.40 0.71
C SER C 150 21.49 -1.60 0.28
N PRO C 151 22.16 -2.58 0.85
CA PRO C 151 23.55 -2.87 0.47
C PRO C 151 23.62 -3.77 -0.76
N LEU C 152 24.84 -3.93 -1.26
CA LEU C 152 25.13 -4.88 -2.34
C LEU C 152 25.69 -6.14 -1.69
N THR C 153 24.86 -7.17 -1.61
CA THR C 153 25.21 -8.37 -0.86
C THR C 153 26.19 -9.23 -1.66
N ILE C 154 26.68 -10.29 -1.02
CA ILE C 154 27.66 -11.16 -1.65
C ILE C 154 27.07 -11.93 -2.82
N VAL C 155 25.76 -12.08 -2.89
CA VAL C 155 25.13 -12.86 -3.95
C VAL C 155 24.67 -11.92 -5.05
N SER C 156 24.36 -10.67 -4.69
CA SER C 156 24.07 -9.67 -5.70
C SER C 156 25.25 -9.48 -6.64
N TRP C 157 26.46 -9.61 -6.12
CA TRP C 157 27.65 -9.50 -6.96
C TRP C 157 27.84 -10.74 -7.82
N LEU C 158 27.57 -11.91 -7.27
CA LEU C 158 27.67 -13.13 -8.06
C LEU C 158 26.68 -13.13 -9.22
N ASN C 159 25.49 -12.57 -9.00
CA ASN C 159 24.52 -12.46 -10.09
C ASN C 159 25.08 -11.63 -11.23
N VAL C 160 25.67 -10.48 -10.91
CA VAL C 160 26.27 -9.63 -11.94
C VAL C 160 27.40 -10.37 -12.64
N TYR C 161 28.25 -11.04 -11.86
CA TYR C 161 29.39 -11.74 -12.44
C TYR C 161 28.94 -12.83 -13.41
N MET C 162 27.91 -13.60 -13.03
CA MET C 162 27.43 -14.66 -13.90
C MET C 162 26.72 -14.12 -15.12
N GLN C 163 25.97 -13.02 -14.97
CA GLN C 163 25.35 -12.40 -16.14
C GLN C 163 26.40 -11.91 -17.13
N VAL C 164 27.44 -11.25 -16.63
CA VAL C 164 28.48 -10.77 -17.52
C VAL C 164 29.24 -11.93 -18.14
N ALA C 165 29.41 -13.04 -17.40
CA ALA C 165 30.15 -14.17 -17.93
C ALA C 165 29.41 -14.84 -19.09
N TYR C 166 28.08 -14.83 -19.07
CA TYR C 166 27.27 -15.46 -20.10
C TYR C 166 26.42 -14.40 -20.77
N LEU C 167 26.97 -13.77 -21.82
CA LEU C 167 26.26 -12.75 -22.58
C LEU C 167 26.39 -13.10 -24.06
N ASN C 168 25.29 -12.99 -24.80
CA ASN C 168 25.28 -13.37 -26.21
C ASN C 168 25.05 -12.19 -27.15
N ASP C 169 23.95 -11.47 -27.01
CA ASP C 169 23.62 -10.34 -27.88
C ASP C 169 23.90 -9.00 -27.22
N LEU C 170 25.14 -8.79 -26.77
CA LEU C 170 25.46 -7.58 -26.01
C LEU C 170 24.40 -7.34 -24.94
N HIS C 171 24.20 -6.07 -24.58
CA HIS C 171 23.22 -5.63 -23.59
C HIS C 171 22.60 -6.78 -22.79
N GLU C 172 21.28 -6.91 -22.87
CA GLU C 172 20.55 -8.02 -22.26
C GLU C 172 21.15 -8.41 -20.90
N VAL C 173 21.41 -7.39 -20.08
CA VAL C 173 22.00 -7.60 -18.77
C VAL C 173 20.96 -7.76 -17.68
N LEU C 174 19.71 -7.39 -17.93
CA LEU C 174 18.67 -7.46 -16.92
C LEU C 174 17.86 -8.75 -16.96
N LEU C 175 17.83 -9.45 -18.09
CA LEU C 175 17.09 -10.70 -18.19
C LEU C 175 18.00 -11.87 -17.82
N PRO C 176 17.64 -12.69 -16.84
CA PRO C 176 18.55 -13.76 -16.39
C PRO C 176 18.94 -14.68 -17.54
N GLN C 177 20.24 -14.90 -17.69
CA GLN C 177 20.78 -15.83 -18.69
C GLN C 177 22.09 -16.40 -18.16
N TYR C 178 21.99 -17.57 -17.52
CA TYR C 178 23.18 -18.31 -17.09
C TYR C 178 22.78 -19.64 -16.48
N PRO C 179 23.66 -20.64 -16.51
CA PRO C 179 23.29 -21.96 -15.99
C PRO C 179 22.89 -21.91 -14.52
N GLN C 180 21.91 -22.74 -14.17
CA GLN C 180 21.46 -22.85 -12.79
C GLN C 180 22.32 -23.78 -11.95
N GLN C 181 23.19 -24.57 -12.58
CA GLN C 181 24.01 -25.51 -11.83
C GLN C 181 25.35 -24.93 -11.42
N ILE C 182 25.88 -23.97 -12.17
CA ILE C 182 27.14 -23.34 -11.77
C ILE C 182 26.89 -22.26 -10.73
N PHE C 183 25.76 -21.57 -10.83
CA PHE C 183 25.45 -20.53 -9.85
C PHE C 183 25.26 -21.11 -8.46
N ILE C 184 24.61 -22.27 -8.37
CA ILE C 184 24.35 -22.87 -7.06
C ILE C 184 25.58 -23.55 -6.47
N GLN C 185 26.56 -23.90 -7.29
CA GLN C 185 27.81 -24.43 -6.74
C GLN C 185 28.62 -23.33 -6.06
N ILE C 186 28.72 -22.16 -6.69
CA ILE C 186 29.46 -21.05 -6.09
C ILE C 186 28.72 -20.51 -4.88
N ALA C 187 27.40 -20.35 -5.00
CA ALA C 187 26.63 -19.90 -3.86
C ALA C 187 26.75 -20.85 -2.68
N GLU C 188 27.05 -22.12 -2.93
CA GLU C 188 27.29 -23.07 -1.86
C GLU C 188 28.65 -22.85 -1.20
N LEU C 189 29.66 -22.45 -1.98
CA LEU C 189 30.94 -22.09 -1.40
C LEU C 189 30.91 -20.73 -0.72
N LEU C 190 29.94 -19.88 -1.07
CA LEU C 190 29.80 -18.57 -0.45
C LEU C 190 28.95 -18.60 0.81
N ASP C 191 28.20 -19.68 1.05
CA ASP C 191 27.50 -19.85 2.30
C ASP C 191 28.35 -20.49 3.37
N LEU C 192 29.33 -21.31 3.00
CA LEU C 192 30.28 -21.84 3.96
C LEU C 192 31.39 -20.85 4.30
N CYS C 193 31.72 -19.97 3.36
CA CYS C 193 32.68 -18.90 3.65
C CYS C 193 32.04 -17.79 4.47
N VAL C 194 30.74 -17.57 4.30
CA VAL C 194 30.06 -16.53 5.06
C VAL C 194 29.95 -16.87 6.54
N LEU C 195 30.05 -18.15 6.90
CA LEU C 195 29.99 -18.53 8.30
C LEU C 195 31.27 -18.23 9.05
N ASP C 196 32.34 -17.84 8.37
CA ASP C 196 33.57 -17.44 9.00
C ASP C 196 33.61 -15.92 9.08
N VAL C 197 33.87 -15.41 10.29
CA VAL C 197 33.85 -13.97 10.51
C VAL C 197 34.98 -13.26 9.77
N ASP C 198 36.05 -13.96 9.43
CA ASP C 198 37.12 -13.35 8.64
C ASP C 198 36.67 -13.01 7.23
N CYS C 199 35.56 -13.57 6.78
CA CYS C 199 35.04 -13.21 5.46
C CYS C 199 34.76 -11.73 5.35
N LEU C 200 34.47 -11.08 6.48
CA LEU C 200 34.22 -9.63 6.49
C LEU C 200 35.47 -8.82 6.20
N GLU C 201 36.64 -9.44 6.18
CA GLU C 201 37.87 -8.70 5.91
C GLU C 201 37.95 -8.25 4.45
N PHE C 202 37.31 -8.98 3.53
CA PHE C 202 37.36 -8.64 2.12
C PHE C 202 36.03 -8.06 1.65
N PRO C 203 36.05 -7.17 0.67
CA PRO C 203 34.80 -6.63 0.13
C PRO C 203 33.95 -7.75 -0.47
N TYR C 204 32.64 -7.52 -0.46
CA TYR C 204 31.72 -8.55 -0.94
C TYR C 204 32.00 -8.92 -2.38
N GLY C 205 32.25 -7.92 -3.23
CA GLY C 205 32.59 -8.18 -4.62
C GLY C 205 33.82 -9.07 -4.77
N ILE C 206 34.85 -8.83 -3.96
CA ILE C 206 36.04 -9.68 -4.02
C ILE C 206 35.74 -11.10 -3.55
N LEU C 207 34.88 -11.27 -2.54
CA LEU C 207 34.48 -12.61 -2.13
C LEU C 207 33.79 -13.35 -3.28
N ALA C 208 32.85 -12.68 -3.94
CA ALA C 208 32.16 -13.31 -5.05
C ALA C 208 33.13 -13.65 -6.18
N ALA C 209 34.03 -12.73 -6.50
CA ALA C 209 35.00 -12.99 -7.56
C ALA C 209 35.91 -14.16 -7.21
N SER C 210 36.33 -14.25 -5.95
CA SER C 210 37.19 -15.36 -5.53
C SER C 210 36.46 -16.69 -5.63
N ALA C 211 35.20 -16.74 -5.20
CA ALA C 211 34.44 -17.98 -5.36
C ALA C 211 34.29 -18.35 -6.82
N LEU C 212 33.95 -17.37 -7.65
CA LEU C 212 33.80 -17.61 -9.08
C LEU C 212 35.08 -18.17 -9.68
N TYR C 213 36.22 -17.56 -9.35
CA TYR C 213 37.49 -18.09 -9.83
C TYR C 213 37.73 -19.50 -9.34
N HIS C 214 37.44 -19.76 -8.06
CA HIS C 214 37.66 -21.09 -7.52
C HIS C 214 36.84 -22.13 -8.29
N PHE C 215 35.70 -21.72 -8.84
CA PHE C 215 34.93 -22.58 -9.73
C PHE C 215 35.02 -22.16 -11.19
N SER C 216 36.10 -21.51 -11.58
CA SER C 216 36.27 -21.06 -12.96
C SER C 216 37.76 -20.85 -13.22
N SER C 217 38.08 -20.16 -14.31
CA SER C 217 39.45 -19.83 -14.67
C SER C 217 39.79 -18.42 -14.21
N SER C 218 41.08 -18.15 -14.11
CA SER C 218 41.53 -16.84 -13.68
C SER C 218 41.30 -15.75 -14.72
N GLU C 219 40.95 -16.13 -15.95
CA GLU C 219 40.66 -15.17 -17.00
C GLU C 219 39.18 -14.80 -17.03
N LEU C 220 38.31 -15.78 -16.80
CA LEU C 220 36.88 -15.50 -16.77
C LEU C 220 36.52 -14.55 -15.64
N MET C 221 37.16 -14.73 -14.47
CA MET C 221 36.89 -13.85 -13.34
C MET C 221 37.25 -12.41 -13.68
N GLN C 222 38.42 -12.21 -14.29
CA GLN C 222 38.83 -10.85 -14.63
C GLN C 222 37.99 -10.25 -15.74
N LYS C 223 37.54 -11.08 -16.68
CA LYS C 223 36.61 -10.58 -17.70
C LYS C 223 35.29 -10.15 -17.09
N VAL C 224 34.79 -10.89 -16.11
CA VAL C 224 33.45 -10.64 -15.58
C VAL C 224 33.42 -9.70 -14.39
N SER C 225 34.56 -9.35 -13.80
CA SER C 225 34.55 -8.54 -12.59
C SER C 225 35.48 -7.36 -12.67
N GLY C 226 36.50 -7.42 -13.53
CA GLY C 226 37.45 -6.34 -13.67
C GLY C 226 38.53 -6.30 -12.64
N TYR C 227 38.53 -7.22 -11.67
CA TYR C 227 39.59 -7.29 -10.68
C TYR C 227 40.87 -7.83 -11.31
N GLN C 228 42.00 -7.37 -10.76
CA GLN C 228 43.30 -7.91 -11.11
C GLN C 228 43.66 -9.03 -10.14
N TRP C 229 44.65 -9.83 -10.54
CA TRP C 229 45.05 -10.95 -9.69
C TRP C 229 45.49 -10.49 -8.31
N CYS C 230 46.24 -9.39 -8.25
CA CYS C 230 46.72 -8.90 -6.96
C CYS C 230 45.58 -8.51 -6.03
N ASP C 231 44.42 -8.15 -6.58
CA ASP C 231 43.29 -7.74 -5.76
C ASP C 231 42.64 -8.90 -5.02
N ILE C 232 42.45 -10.03 -5.70
CA ILE C 232 41.72 -11.14 -5.12
C ILE C 232 42.69 -12.26 -4.72
N GLU C 233 43.98 -11.97 -4.71
CA GLU C 233 44.96 -12.99 -4.36
C GLU C 233 44.79 -13.43 -2.91
N ASN C 234 44.69 -12.46 -1.99
CA ASN C 234 44.52 -12.79 -0.58
C ASN C 234 43.21 -13.54 -0.35
N CYS C 235 42.13 -13.10 -0.99
CA CYS C 235 40.84 -13.77 -0.82
C CYS C 235 40.90 -15.20 -1.32
N VAL C 236 41.54 -15.43 -2.47
CA VAL C 236 41.66 -16.78 -2.99
C VAL C 236 42.48 -17.65 -2.05
N LYS C 237 43.59 -17.10 -1.53
CA LYS C 237 44.42 -17.86 -0.60
C LYS C 237 43.62 -18.24 0.63
N TRP C 238 42.84 -17.30 1.16
CA TRP C 238 42.03 -17.60 2.35
C TRP C 238 40.92 -18.59 2.04
N MET C 239 40.33 -18.52 0.84
CA MET C 239 39.24 -19.40 0.46
C MET C 239 39.70 -20.81 0.11
N VAL C 240 40.99 -21.00 -0.14
CA VAL C 240 41.53 -22.30 -0.51
C VAL C 240 40.92 -23.44 0.31
N PRO C 241 41.07 -23.44 1.63
CA PRO C 241 40.59 -24.58 2.42
C PRO C 241 39.09 -24.70 2.49
N PHE C 242 38.35 -23.63 2.17
CA PHE C 242 36.89 -23.73 2.08
C PHE C 242 36.46 -24.30 0.73
N ALA C 243 37.29 -24.14 -0.30
CA ALA C 243 36.99 -24.73 -1.60
C ALA C 243 37.38 -26.20 -1.66
N MET C 244 38.49 -26.56 -1.02
CA MET C 244 38.91 -27.96 -1.02
C MET C 244 37.87 -28.86 -0.38
N VAL C 245 37.30 -28.42 0.75
CA VAL C 245 36.31 -29.24 1.44
C VAL C 245 35.08 -29.43 0.57
N ILE C 246 34.59 -28.36 -0.06
CA ILE C 246 33.43 -28.46 -0.92
C ILE C 246 33.70 -29.38 -2.10
N ARG C 247 34.89 -29.27 -2.70
CA ARG C 247 35.25 -30.15 -3.80
C ARG C 247 35.26 -31.61 -3.37
N GLU C 248 35.85 -31.89 -2.21
CA GLU C 248 35.90 -33.27 -1.73
C GLU C 248 34.50 -33.82 -1.44
N THR C 249 33.64 -33.01 -0.83
CA THR C 249 32.29 -33.46 -0.50
C THR C 249 31.48 -33.70 -1.77
N GLY C 250 31.61 -32.83 -2.76
CA GLY C 250 30.82 -32.93 -3.97
C GLY C 250 29.68 -31.94 -3.99
N SER C 251 29.56 -31.19 -5.09
CA SER C 251 28.51 -30.18 -5.19
C SER C 251 27.14 -30.84 -5.27
N SER C 252 26.16 -30.19 -4.64
CA SER C 252 24.79 -30.69 -4.65
C SER C 252 24.16 -30.38 -6.01
N LYS C 253 22.86 -30.62 -6.13
CA LYS C 253 22.13 -30.41 -7.37
C LYS C 253 21.03 -29.38 -7.18
N LEU C 254 20.46 -28.93 -8.29
CA LEU C 254 19.43 -27.90 -8.29
C LEU C 254 18.12 -28.54 -7.86
N LYS C 255 17.80 -28.42 -6.57
CA LYS C 255 16.57 -28.95 -6.04
C LYS C 255 15.38 -28.12 -6.49
N HIS C 256 14.19 -28.73 -6.48
CA HIS C 256 12.96 -28.07 -6.86
C HIS C 256 12.15 -27.72 -5.62
N PHE C 257 11.33 -26.67 -5.75
CA PHE C 257 10.51 -26.18 -4.66
C PHE C 257 9.06 -26.02 -5.12
N ARG C 258 8.14 -26.20 -4.19
CA ARG C 258 6.71 -26.07 -4.48
C ARG C 258 6.35 -24.60 -4.63
N GLY C 259 5.63 -24.28 -5.69
CA GLY C 259 5.20 -22.92 -5.94
C GLY C 259 6.25 -22.00 -6.50
N VAL C 260 7.44 -22.50 -6.83
CA VAL C 260 8.54 -21.70 -7.35
C VAL C 260 8.85 -22.19 -8.75
N ALA C 261 8.82 -21.28 -9.73
CA ALA C 261 9.06 -21.66 -11.11
C ALA C 261 10.40 -22.37 -11.25
N ASP C 262 10.50 -23.23 -12.26
CA ASP C 262 11.70 -24.01 -12.50
C ASP C 262 12.87 -23.14 -12.95
N GLU C 263 12.62 -21.89 -13.32
CA GLU C 263 13.68 -20.96 -13.72
C GLU C 263 14.12 -20.07 -12.57
N ASP C 264 13.64 -20.30 -11.35
CA ASP C 264 13.99 -19.47 -10.21
C ASP C 264 14.48 -20.30 -9.03
N ALA C 265 14.62 -21.62 -9.20
CA ALA C 265 15.03 -22.47 -8.09
C ALA C 265 16.46 -22.18 -7.62
N HIS C 266 17.26 -21.51 -8.43
CA HIS C 266 18.61 -21.15 -8.03
C HIS C 266 18.66 -19.90 -7.17
N ASN C 267 17.52 -19.23 -6.97
CA ASN C 267 17.45 -18.01 -6.17
C ASN C 267 16.78 -18.26 -4.83
N ILE C 268 16.70 -19.52 -4.41
CA ILE C 268 16.09 -19.90 -3.14
C ILE C 268 17.16 -20.54 -2.27
N GLN C 269 17.31 -20.03 -1.05
CA GLN C 269 18.38 -20.49 -0.17
C GLN C 269 18.23 -21.97 0.12
N THR C 270 19.36 -22.67 0.23
CA THR C 270 19.38 -24.11 0.42
C THR C 270 20.38 -24.45 1.53
N HIS C 271 19.89 -24.56 2.75
CA HIS C 271 20.72 -25.00 3.87
C HIS C 271 20.90 -26.51 3.80
N ARG C 272 22.15 -26.97 3.69
CA ARG C 272 22.43 -28.40 3.65
C ARG C 272 23.22 -28.85 4.87
N ASP C 273 24.46 -28.39 5.03
CA ASP C 273 25.25 -28.62 6.23
C ASP C 273 26.48 -27.74 6.16
N SER C 274 26.63 -26.79 7.08
CA SER C 274 27.76 -25.89 7.02
C SER C 274 28.66 -25.94 8.23
N LEU C 275 28.14 -26.32 9.40
CA LEU C 275 28.98 -26.40 10.58
C LEU C 275 29.91 -27.59 10.56
N ASP C 276 29.64 -28.60 9.73
CA ASP C 276 30.54 -29.74 9.58
C ASP C 276 31.68 -29.44 8.63
N LEU C 277 31.41 -28.73 7.54
CA LEU C 277 32.46 -28.34 6.61
C LEU C 277 33.29 -27.18 7.14
N LEU C 278 32.67 -26.30 7.95
CA LEU C 278 33.41 -25.15 8.47
C LEU C 278 34.52 -25.59 9.43
N ASP C 279 34.25 -26.57 10.27
CA ASP C 279 35.27 -27.01 11.22
C ASP C 279 36.38 -27.80 10.53
N LYS C 280 36.10 -28.40 9.38
CA LYS C 280 37.17 -29.01 8.59
C LYS C 280 38.00 -27.94 7.89
N ALA C 281 37.34 -26.92 7.34
CA ALA C 281 38.06 -25.84 6.69
C ALA C 281 38.97 -25.11 7.67
N ARG C 282 38.44 -24.79 8.86
CA ARG C 282 39.22 -24.06 9.85
C ARG C 282 40.32 -24.91 10.46
N ALA C 283 40.28 -26.23 10.26
CA ALA C 283 41.30 -27.11 10.80
C ALA C 283 42.67 -26.77 10.24
#